data_8S99
#
_entry.id   8S99
#
_cell.length_a   48.209
_cell.length_b   112.715
_cell.length_c   157.448
_cell.angle_alpha   90.00
_cell.angle_beta   90.00
_cell.angle_gamma   90.00
#
_symmetry.space_group_name_H-M   'P 21 21 21'
#
loop_
_entity.id
_entity.type
_entity.pdbx_description
1 polymer 'Non-receptor tyrosine-protein kinase TYK2'
2 non-polymer "(8S)-N-[(1R,2S)-2-fluorocyclopropyl]-5-{[(1M,2'M)-3'-fluoro-2-oxo-2H-[1,2'-bipyridin]-3-yl]amino}-7-(methylamino)pyrazolo[1,5-a]pyrimidine-3-carboxamide"
3 non-polymer 1,2-ETHANEDIOL
4 non-polymer 'ACETATE ION'
5 water water
#
_entity_poly.entity_id   1
_entity_poly.type   'polypeptide(L)'
_entity_poly.pdbx_seq_one_letter_code
;NLSQLSFHRVDQKEITQLSHLGQGTRTNVYEGRLRVEGSGDPEEGKMDDEDPLVPGRDRGQELRVVLKVLDPSHHDIALA
FYETASLMSQVSHTHLAFVHGVCVRGPENIMVTEYVEHGPLDVWLRRERGHVPMAWKMVVAQQLASALSYLENKNLVHGN
VCGRNILLARLGLAEGTSPFIKLSDPGVGLGALSREERVERIPWLAPECLPGGANSLSTAMDKWGFGATLLEICFDGEAP
LQSRSPSEKEHFYQRQHRLPEPSCPQLATLTSQCLTYEPTQRPSFRTILRDLTRL
;
_entity_poly.pdbx_strand_id   A,B,C
#
# COMPACT_ATOMS: atom_id res chain seq x y z
N GLN A 4 1.81 -8.26 2.88
CA GLN A 4 1.52 -6.79 3.06
C GLN A 4 2.54 -5.92 2.31
N LEU A 5 3.61 -6.51 1.76
CA LEU A 5 4.78 -5.81 1.15
C LEU A 5 4.78 -6.00 -0.36
N SER A 6 5.22 -5.00 -1.13
CA SER A 6 5.28 -5.08 -2.60
C SER A 6 6.55 -4.43 -3.11
N PHE A 7 7.40 -5.19 -3.78
CA PHE A 7 8.63 -4.67 -4.43
C PHE A 7 9.11 -5.67 -5.49
N HIS A 8 9.94 -5.19 -6.40
N HIS A 8 9.91 -5.20 -6.44
CA HIS A 8 10.49 -5.96 -7.55
CA HIS A 8 10.43 -6.03 -7.56
C HIS A 8 11.57 -6.93 -7.03
C HIS A 8 11.55 -6.93 -7.03
N ARG A 9 11.50 -8.20 -7.44
CA ARG A 9 12.60 -9.17 -7.18
C ARG A 9 13.61 -9.03 -8.31
N VAL A 10 14.86 -8.75 -7.96
CA VAL A 10 15.98 -8.59 -8.92
C VAL A 10 16.76 -9.91 -8.96
N ASP A 11 16.97 -10.45 -10.17
N ASP A 11 16.94 -10.50 -10.16
CA ASP A 11 17.79 -11.67 -10.39
CA ASP A 11 17.77 -11.71 -10.36
C ASP A 11 19.26 -11.30 -10.19
C ASP A 11 19.24 -11.30 -10.18
N GLN A 12 20.02 -12.13 -9.48
CA GLN A 12 21.48 -11.91 -9.27
C GLN A 12 22.22 -11.74 -10.61
N LYS A 13 21.75 -12.39 -11.69
N LYS A 13 21.75 -12.39 -11.69
CA LYS A 13 22.36 -12.28 -13.04
CA LYS A 13 22.42 -12.38 -13.02
C LYS A 13 22.24 -10.84 -13.57
C LYS A 13 22.30 -10.99 -13.66
N GLU A 14 21.23 -10.09 -13.10
N GLU A 14 21.40 -10.14 -13.16
CA GLU A 14 20.91 -8.72 -13.57
CA GLU A 14 21.12 -8.79 -13.74
C GLU A 14 21.91 -7.70 -12.98
C GLU A 14 21.95 -7.71 -13.02
N ILE A 15 22.66 -8.06 -11.93
CA ILE A 15 23.47 -7.07 -11.15
C ILE A 15 24.95 -7.44 -11.17
N THR A 16 25.77 -6.40 -11.27
CA THR A 16 27.24 -6.48 -11.16
C THR A 16 27.64 -5.58 -10.00
N GLN A 17 28.49 -6.07 -9.09
CA GLN A 17 29.00 -5.30 -7.94
C GLN A 17 30.35 -4.70 -8.30
N LEU A 18 30.49 -3.38 -8.19
CA LEU A 18 31.77 -2.66 -8.41
C LEU A 18 32.31 -2.18 -7.05
N SER A 19 32.84 -0.97 -6.93
CA SER A 19 33.64 -0.59 -5.75
C SER A 19 32.76 -0.30 -4.53
N HIS A 20 33.31 -0.59 -3.35
CA HIS A 20 32.72 -0.26 -2.04
C HIS A 20 32.69 1.25 -1.90
N LEU A 21 31.53 1.78 -1.49
CA LEU A 21 31.30 3.23 -1.21
C LEU A 21 31.24 3.51 0.29
N GLY A 22 30.90 2.52 1.12
CA GLY A 22 30.90 2.72 2.59
C GLY A 22 29.85 1.87 3.27
N GLN A 23 29.65 2.11 4.55
CA GLN A 23 28.73 1.34 5.41
C GLN A 23 27.49 2.18 5.68
N GLY A 24 26.34 1.51 5.69
CA GLY A 24 25.10 1.99 6.32
C GLY A 24 24.77 1.15 7.54
N THR A 25 23.62 1.41 8.14
CA THR A 25 23.17 0.62 9.30
C THR A 25 22.96 -0.83 8.82
N ARG A 26 23.80 -1.76 9.30
N ARG A 26 23.85 -1.72 9.28
CA ARG A 26 23.74 -3.20 8.97
CA ARG A 26 23.82 -3.18 8.99
C ARG A 26 23.97 -3.44 7.47
C ARG A 26 23.94 -3.42 7.47
N THR A 27 24.60 -2.50 6.74
CA THR A 27 24.78 -2.63 5.27
C THR A 27 26.18 -2.20 4.82
N ASN A 28 26.55 -2.75 3.67
CA ASN A 28 27.70 -2.26 2.88
C ASN A 28 27.16 -1.81 1.53
N VAL A 29 27.56 -0.62 1.11
CA VAL A 29 27.04 0.03 -0.11
C VAL A 29 28.13 -0.03 -1.17
N TYR A 30 27.77 -0.47 -2.38
CA TYR A 30 28.67 -0.61 -3.54
C TYR A 30 28.07 0.12 -4.74
N GLU A 31 28.93 0.73 -5.54
CA GLU A 31 28.54 1.05 -6.93
C GLU A 31 28.21 -0.28 -7.64
N GLY A 32 27.23 -0.27 -8.55
CA GLY A 32 26.90 -1.46 -9.32
C GLY A 32 26.34 -1.11 -10.68
N ARG A 33 25.98 -2.16 -11.41
CA ARG A 33 25.26 -2.06 -12.68
C ARG A 33 24.02 -2.94 -12.58
N LEU A 34 22.90 -2.46 -13.11
CA LEU A 34 21.65 -3.23 -13.27
C LEU A 34 21.35 -3.36 -14.77
N ARG A 35 21.23 -4.59 -15.25
CA ARG A 35 20.86 -4.86 -16.66
C ARG A 35 19.34 -4.92 -16.72
N VAL A 36 18.73 -4.19 -17.66
CA VAL A 36 17.26 -3.95 -17.75
C VAL A 36 16.79 -4.22 -19.20
N GLN A 61 20.35 -2.33 -21.80
CA GLN A 61 20.87 -1.14 -21.05
C GLN A 61 21.54 -1.61 -19.76
N GLU A 62 22.61 -0.93 -19.37
CA GLU A 62 23.47 -1.23 -18.20
C GLU A 62 23.46 -0.01 -17.26
N LEU A 63 22.52 0.05 -16.30
CA LEU A 63 22.24 1.27 -15.50
C LEU A 63 23.17 1.31 -14.28
N ARG A 64 23.83 2.44 -14.06
CA ARG A 64 24.60 2.68 -12.82
C ARG A 64 23.62 2.70 -11.65
N VAL A 65 23.89 1.92 -10.60
CA VAL A 65 23.04 1.82 -9.38
C VAL A 65 23.94 1.74 -8.17
N VAL A 66 23.35 1.74 -6.96
CA VAL A 66 24.07 1.29 -5.75
C VAL A 66 23.44 -0.03 -5.27
N LEU A 67 24.30 -0.90 -4.77
CA LEU A 67 23.89 -2.17 -4.16
C LEU A 67 24.08 -2.01 -2.66
N LYS A 68 23.01 -2.21 -1.88
CA LYS A 68 23.07 -2.14 -0.42
C LYS A 68 22.99 -3.57 0.11
N VAL A 69 24.12 -4.11 0.52
CA VAL A 69 24.21 -5.54 0.91
C VAL A 69 24.02 -5.63 2.41
N LEU A 70 22.96 -6.31 2.83
CA LEU A 70 22.60 -6.47 4.26
C LEU A 70 23.60 -7.42 4.90
N ASP A 71 24.04 -7.05 6.10
CA ASP A 71 24.84 -7.93 6.98
C ASP A 71 24.10 -9.25 7.16
N PRO A 72 24.83 -10.34 7.49
CA PRO A 72 24.19 -11.55 7.97
C PRO A 72 23.30 -11.14 9.15
N SER A 73 22.02 -11.47 9.10
CA SER A 73 20.97 -10.86 9.95
C SER A 73 19.96 -11.90 10.39
N HIS A 74 19.37 -11.67 11.55
CA HIS A 74 18.11 -12.32 12.00
C HIS A 74 17.01 -11.98 11.01
N HIS A 75 16.06 -12.90 10.79
CA HIS A 75 14.87 -12.73 9.89
C HIS A 75 14.18 -11.38 10.14
N ASP A 76 14.15 -10.92 11.40
CA ASP A 76 13.42 -9.68 11.78
C ASP A 76 14.06 -8.47 11.08
N ILE A 77 15.39 -8.49 10.94
CA ILE A 77 16.15 -7.38 10.30
C ILE A 77 15.95 -7.48 8.79
N ALA A 78 16.00 -8.70 8.25
CA ALA A 78 15.69 -8.96 6.83
C ALA A 78 14.29 -8.39 6.54
N LEU A 79 13.30 -8.74 7.36
CA LEU A 79 11.91 -8.22 7.18
C LEU A 79 11.91 -6.68 7.15
N ALA A 80 12.59 -6.04 8.10
CA ALA A 80 12.63 -4.56 8.24
C ALA A 80 13.25 -3.99 6.95
N PHE A 81 14.22 -4.69 6.38
CA PHE A 81 14.88 -4.31 5.10
C PHE A 81 13.86 -4.37 3.95
N TYR A 82 13.14 -5.48 3.84
CA TYR A 82 12.07 -5.65 2.82
C TYR A 82 10.99 -4.58 3.03
N GLU A 83 10.65 -4.24 4.28
CA GLU A 83 9.60 -3.23 4.59
C GLU A 83 10.00 -1.88 3.96
N THR A 84 11.27 -1.51 4.06
CA THR A 84 11.81 -0.27 3.46
C THR A 84 11.71 -0.35 1.93
N ALA A 85 12.03 -1.50 1.32
CA ALA A 85 11.98 -1.66 -0.15
C ALA A 85 10.52 -1.48 -0.59
N SER A 86 9.59 -2.03 0.19
CA SER A 86 8.13 -1.96 -0.10
C SER A 86 7.67 -0.49 -0.03
N LEU A 87 8.02 0.21 1.06
CA LEU A 87 7.73 1.66 1.25
C LEU A 87 8.21 2.43 0.02
N MET A 88 9.49 2.27 -0.33
CA MET A 88 10.10 3.16 -1.35
C MET A 88 9.56 2.79 -2.73
N SER A 89 9.09 1.56 -2.93
CA SER A 89 8.62 1.04 -4.23
C SER A 89 7.22 1.61 -4.55
N GLN A 90 6.52 2.16 -3.57
N GLN A 90 6.52 2.09 -3.52
CA GLN A 90 5.12 2.60 -3.77
CA GLN A 90 5.10 2.56 -3.53
C GLN A 90 5.01 4.12 -3.59
C GLN A 90 5.04 4.09 -3.69
N VAL A 91 6.14 4.82 -3.47
CA VAL A 91 6.14 6.31 -3.46
C VAL A 91 6.91 6.80 -4.68
N SER A 92 6.60 8.01 -5.12
CA SER A 92 7.34 8.75 -6.16
C SER A 92 7.39 10.21 -5.76
N HIS A 93 8.57 10.79 -5.80
CA HIS A 93 8.77 12.25 -5.69
C HIS A 93 10.15 12.58 -6.27
N THR A 94 10.28 13.74 -6.88
CA THR A 94 11.54 14.10 -7.56
C THR A 94 12.69 14.20 -6.54
N HIS A 95 12.41 14.43 -5.26
CA HIS A 95 13.45 14.51 -4.20
C HIS A 95 13.47 13.25 -3.34
N LEU A 96 12.87 12.15 -3.82
CA LEU A 96 13.09 10.80 -3.22
C LEU A 96 13.91 9.92 -4.17
N ALA A 97 14.94 9.27 -3.67
CA ALA A 97 15.75 8.32 -4.45
C ALA A 97 14.88 7.13 -4.88
N PHE A 98 15.14 6.60 -6.08
CA PHE A 98 14.44 5.42 -6.66
C PHE A 98 15.00 4.11 -6.07
N VAL A 99 14.10 3.19 -5.73
CA VAL A 99 14.46 1.79 -5.35
C VAL A 99 14.02 0.88 -6.50
N HIS A 100 14.97 0.12 -7.04
CA HIS A 100 14.79 -0.78 -8.21
C HIS A 100 14.26 -2.13 -7.75
N GLY A 101 14.62 -2.56 -6.56
CA GLY A 101 14.10 -3.82 -6.03
C GLY A 101 15.09 -4.45 -5.07
N VAL A 102 14.91 -5.74 -4.79
CA VAL A 102 15.73 -6.51 -3.82
C VAL A 102 16.18 -7.77 -4.53
N CYS A 103 17.47 -8.04 -4.48
CA CYS A 103 18.08 -9.29 -4.97
C CYS A 103 18.33 -10.19 -3.75
N VAL A 104 17.80 -11.41 -3.80
CA VAL A 104 18.08 -12.46 -2.77
C VAL A 104 18.99 -13.50 -3.42
N ARG A 105 19.99 -13.95 -2.67
CA ARG A 105 21.07 -14.85 -3.14
C ARG A 105 21.34 -15.83 -2.00
N GLY A 106 20.32 -16.65 -1.70
CA GLY A 106 20.27 -17.59 -0.56
C GLY A 106 20.02 -16.84 0.74
N PRO A 107 21.04 -16.72 1.62
CA PRO A 107 20.89 -15.97 2.86
C PRO A 107 21.16 -14.46 2.66
N GLU A 108 21.74 -14.08 1.51
CA GLU A 108 22.19 -12.69 1.21
C GLU A 108 21.03 -11.84 0.65
N ASN A 109 20.87 -10.62 1.16
CA ASN A 109 19.80 -9.69 0.70
C ASN A 109 20.47 -8.42 0.19
N ILE A 110 20.10 -7.98 -1.01
CA ILE A 110 20.72 -6.80 -1.65
C ILE A 110 19.63 -5.85 -2.12
N MET A 111 19.60 -4.63 -1.57
CA MET A 111 18.67 -3.61 -2.10
C MET A 111 19.36 -2.87 -3.23
N VAL A 112 18.68 -2.73 -4.36
CA VAL A 112 19.22 -2.05 -5.56
C VAL A 112 18.54 -0.70 -5.65
N THR A 113 19.33 0.37 -5.54
CA THR A 113 18.78 1.75 -5.39
C THR A 113 19.54 2.72 -6.29
N GLU A 114 18.99 3.93 -6.38
CA GLU A 114 19.50 4.98 -7.27
C GLU A 114 20.92 5.39 -6.86
N TYR A 115 21.83 5.38 -7.84
CA TYR A 115 23.15 6.03 -7.71
C TYR A 115 22.96 7.53 -7.89
N VAL A 116 23.40 8.31 -6.91
CA VAL A 116 23.28 9.77 -6.95
C VAL A 116 24.68 10.39 -7.02
N GLU A 117 24.90 11.20 -8.06
CA GLU A 117 26.25 11.51 -8.56
C GLU A 117 27.21 11.95 -7.45
N HIS A 118 26.88 12.97 -6.64
CA HIS A 118 27.89 13.59 -5.74
C HIS A 118 27.81 13.01 -4.32
N GLY A 119 26.96 12.01 -4.08
CA GLY A 119 27.01 11.21 -2.85
C GLY A 119 26.40 11.92 -1.65
N PRO A 120 26.66 11.42 -0.42
CA PRO A 120 25.99 11.93 0.78
C PRO A 120 26.35 13.38 1.11
N LEU A 121 25.33 14.15 1.49
CA LEU A 121 25.47 15.59 1.77
C LEU A 121 26.35 15.87 2.99
N ASP A 122 26.30 15.04 4.03
CA ASP A 122 27.09 15.36 5.25
C ASP A 122 28.57 15.41 4.88
N VAL A 123 29.03 14.37 4.19
N VAL A 123 29.06 14.41 4.16
CA VAL A 123 30.44 14.24 3.71
CA VAL A 123 30.50 14.31 3.81
C VAL A 123 30.79 15.44 2.84
C VAL A 123 30.84 15.39 2.77
N TRP A 124 29.89 15.74 1.90
CA TRP A 124 30.10 16.81 0.88
C TRP A 124 30.27 18.16 1.58
N LEU A 125 29.40 18.48 2.54
CA LEU A 125 29.43 19.77 3.27
C LEU A 125 30.75 19.88 4.07
N ARG A 126 31.20 18.80 4.69
CA ARG A 126 32.47 18.82 5.47
C ARG A 126 33.64 19.09 4.50
N ARG A 127 33.62 18.48 3.32
CA ARG A 127 34.69 18.63 2.28
C ARG A 127 34.68 20.07 1.73
N GLU A 128 33.49 20.68 1.57
CA GLU A 128 33.32 22.01 0.92
C GLU A 128 33.20 23.13 1.97
N ARG A 129 33.48 22.84 3.25
CA ARG A 129 33.29 23.80 4.37
C ARG A 129 34.02 25.09 4.05
N GLY A 130 33.35 26.24 4.20
CA GLY A 130 33.92 27.57 3.89
C GLY A 130 33.57 28.08 2.51
N HIS A 131 32.87 27.33 1.66
CA HIS A 131 32.42 27.90 0.34
C HIS A 131 31.04 27.41 -0.06
N VAL A 132 30.21 27.04 0.90
CA VAL A 132 28.77 26.74 0.62
C VAL A 132 27.92 27.90 1.12
N PRO A 133 27.35 28.72 0.21
CA PRO A 133 26.59 29.91 0.63
C PRO A 133 25.26 29.52 1.31
N MET A 134 24.74 30.43 2.12
CA MET A 134 23.43 30.25 2.81
C MET A 134 22.32 29.99 1.78
N ALA A 135 22.32 30.69 0.65
CA ALA A 135 21.24 30.57 -0.36
C ALA A 135 21.17 29.13 -0.88
N TRP A 136 22.33 28.51 -1.09
CA TRP A 136 22.46 27.11 -1.53
C TRP A 136 21.81 26.19 -0.49
N LYS A 137 22.14 26.43 0.78
CA LYS A 137 21.55 25.65 1.90
C LYS A 137 20.03 25.84 1.95
N MET A 138 19.51 27.04 1.68
CA MET A 138 18.04 27.24 1.73
C MET A 138 17.35 26.49 0.58
N VAL A 139 17.98 26.36 -0.58
CA VAL A 139 17.41 25.55 -1.70
C VAL A 139 17.30 24.10 -1.23
N VAL A 140 18.37 23.56 -0.64
CA VAL A 140 18.41 22.14 -0.19
C VAL A 140 17.34 21.91 0.89
N ALA A 141 17.21 22.83 1.86
CA ALA A 141 16.16 22.76 2.92
C ALA A 141 14.78 22.68 2.27
N GLN A 142 14.54 23.49 1.22
N GLN A 142 14.53 23.49 1.22
CA GLN A 142 13.23 23.54 0.51
CA GLN A 142 13.21 23.53 0.53
C GLN A 142 12.96 22.22 -0.19
C GLN A 142 12.96 22.20 -0.19
N GLN A 143 13.97 21.65 -0.86
CA GLN A 143 13.80 20.38 -1.61
C GLN A 143 13.51 19.27 -0.62
N LEU A 144 14.21 19.25 0.50
CA LEU A 144 14.03 18.21 1.52
C LEU A 144 12.60 18.38 2.09
N ALA A 145 12.18 19.61 2.33
CA ALA A 145 10.82 19.86 2.84
C ALA A 145 9.75 19.41 1.82
N SER A 146 9.99 19.54 0.52
N SER A 146 10.02 19.58 0.52
CA SER A 146 9.00 19.11 -0.50
CA SER A 146 9.12 19.12 -0.58
C SER A 146 8.91 17.57 -0.53
C SER A 146 8.92 17.60 -0.46
N ALA A 147 10.02 16.85 -0.32
CA ALA A 147 9.99 15.37 -0.17
C ALA A 147 9.17 14.97 1.06
N LEU A 148 9.40 15.63 2.18
CA LEU A 148 8.78 15.24 3.47
C LEU A 148 7.32 15.72 3.54
N SER A 149 6.98 16.83 2.86
CA SER A 149 5.59 17.30 2.66
C SER A 149 4.80 16.20 1.93
N TYR A 150 5.39 15.64 0.88
CA TYR A 150 4.79 14.53 0.12
C TYR A 150 4.60 13.34 1.09
N LEU A 151 5.62 12.92 1.82
CA LEU A 151 5.47 11.74 2.74
C LEU A 151 4.43 12.03 3.81
N GLU A 152 4.35 13.27 4.32
CA GLU A 152 3.36 13.65 5.36
C GLU A 152 1.96 13.41 4.81
N ASN A 153 1.71 13.92 3.61
CA ASN A 153 0.40 13.81 2.92
C ASN A 153 0.04 12.34 2.68
N LYS A 154 1.05 11.50 2.44
CA LYS A 154 0.85 10.03 2.24
C LYS A 154 0.69 9.35 3.59
N ASN A 155 0.98 10.07 4.69
CA ASN A 155 1.03 9.50 6.06
C ASN A 155 2.01 8.33 6.11
N LEU A 156 3.17 8.49 5.48
CA LEU A 156 4.24 7.47 5.52
C LEU A 156 5.47 8.03 6.23
N VAL A 157 6.06 7.23 7.11
CA VAL A 157 7.24 7.63 7.92
C VAL A 157 8.51 7.22 7.16
N HIS A 158 9.47 8.13 7.07
CA HIS A 158 10.85 7.81 6.61
C HIS A 158 11.63 7.25 7.78
N GLY A 159 11.77 8.06 8.83
CA GLY A 159 12.33 7.64 10.12
C GLY A 159 13.85 7.67 10.15
N ASN A 160 14.51 8.20 9.12
CA ASN A 160 16.00 8.32 9.14
C ASN A 160 16.44 9.55 8.34
N VAL A 161 15.78 10.68 8.59
CA VAL A 161 16.16 11.96 7.93
C VAL A 161 17.44 12.47 8.60
N CYS A 162 18.50 12.58 7.81
CA CYS A 162 19.82 13.05 8.24
C CYS A 162 20.66 13.38 7.00
N GLY A 163 21.74 14.13 7.18
CA GLY A 163 22.63 14.55 6.07
C GLY A 163 23.18 13.36 5.29
N ARG A 164 23.49 12.25 5.98
CA ARG A 164 24.02 11.01 5.34
C ARG A 164 23.01 10.51 4.29
N ASN A 165 21.72 10.63 4.57
CA ASN A 165 20.67 10.10 3.68
C ASN A 165 20.22 11.16 2.68
N ILE A 166 20.82 12.35 2.66
CA ILE A 166 20.52 13.34 1.58
C ILE A 166 21.62 13.19 0.54
N LEU A 167 21.25 12.85 -0.69
CA LEU A 167 22.25 12.57 -1.75
C LEU A 167 22.22 13.72 -2.75
N LEU A 168 23.39 14.18 -3.17
CA LEU A 168 23.49 15.40 -4.02
C LEU A 168 23.58 14.95 -5.48
N ALA A 169 22.51 15.18 -6.25
CA ALA A 169 22.47 14.87 -7.70
C ALA A 169 23.11 15.97 -8.55
N ARG A 170 22.95 17.25 -8.17
CA ARG A 170 23.54 18.40 -8.93
C ARG A 170 24.20 19.34 -7.91
N LEU A 171 25.43 19.72 -8.19
CA LEU A 171 26.32 20.50 -7.29
C LEU A 171 25.70 21.85 -6.99
N GLY A 172 25.34 22.62 -8.03
CA GLY A 172 24.70 23.93 -7.86
C GLY A 172 25.61 25.03 -7.32
N LEU A 173 26.94 24.92 -7.46
CA LEU A 173 27.88 25.99 -6.98
C LEU A 173 28.25 26.94 -8.11
N ALA A 174 28.29 26.46 -9.36
CA ALA A 174 28.58 27.28 -10.57
C ALA A 174 27.53 28.39 -10.68
N GLU A 175 27.92 29.61 -11.06
CA GLU A 175 26.97 30.74 -11.23
C GLU A 175 25.86 30.30 -12.19
N GLY A 176 24.59 30.62 -11.87
CA GLY A 176 23.42 30.28 -12.69
C GLY A 176 22.97 28.83 -12.52
N THR A 177 23.56 28.09 -11.56
CA THR A 177 23.11 26.71 -11.25
C THR A 177 22.49 26.70 -9.87
N SER A 178 21.77 25.63 -9.57
CA SER A 178 21.15 25.35 -8.26
C SER A 178 21.35 23.88 -7.94
N PRO A 179 21.49 23.53 -6.64
CA PRO A 179 21.66 22.14 -6.26
C PRO A 179 20.37 21.36 -6.43
N PHE A 180 20.49 20.04 -6.39
CA PHE A 180 19.34 19.11 -6.48
C PHE A 180 19.64 17.86 -5.67
N ILE A 181 18.77 17.54 -4.72
CA ILE A 181 19.00 16.44 -3.74
C ILE A 181 17.97 15.33 -3.98
N LYS A 182 18.35 14.14 -3.51
CA LYS A 182 17.49 12.94 -3.45
C LYS A 182 17.61 12.40 -2.04
N LEU A 183 16.48 12.24 -1.35
CA LEU A 183 16.48 11.59 -0.02
C LEU A 183 16.53 10.09 -0.27
N SER A 184 17.56 9.45 0.27
CA SER A 184 17.79 8.00 0.22
C SER A 184 16.67 7.27 0.94
N ASP A 185 16.45 6.02 0.56
CA ASP A 185 15.67 5.08 1.40
C ASP A 185 16.26 5.10 2.81
N PRO A 186 15.41 4.90 3.83
CA PRO A 186 15.85 4.95 5.23
C PRO A 186 16.67 3.74 5.70
N GLY A 187 16.90 2.75 4.82
CA GLY A 187 17.58 1.49 5.14
C GLY A 187 16.76 0.67 6.12
N VAL A 188 17.42 -0.13 6.93
CA VAL A 188 16.73 -1.02 7.90
C VAL A 188 15.81 -0.16 8.78
N GLY A 189 14.53 -0.50 8.83
CA GLY A 189 13.52 0.25 9.60
C GLY A 189 13.96 0.49 11.03
N LEU A 190 13.73 1.72 11.49
CA LEU A 190 14.10 2.18 12.85
C LEU A 190 13.50 1.21 13.88
N GLY A 191 12.29 0.71 13.60
CA GLY A 191 11.54 -0.18 14.51
C GLY A 191 12.29 -1.43 14.87
N ALA A 192 13.27 -1.87 14.08
CA ALA A 192 13.98 -3.16 14.29
C ALA A 192 15.36 -2.96 14.92
N LEU A 193 15.81 -1.73 15.07
CA LEU A 193 17.20 -1.41 15.51
C LEU A 193 17.30 -1.51 17.03
N SER A 194 18.51 -1.67 17.57
CA SER A 194 18.76 -1.81 19.02
C SER A 194 18.72 -0.42 19.66
N ARG A 195 18.56 -0.37 20.98
CA ARG A 195 18.56 0.93 21.71
C ARG A 195 19.90 1.63 21.44
N GLU A 196 21.01 0.88 21.45
CA GLU A 196 22.38 1.41 21.21
C GLU A 196 22.44 2.15 19.86
N GLU A 197 21.84 1.56 18.82
CA GLU A 197 21.79 2.18 17.47
C GLU A 197 20.90 3.43 17.51
N ARG A 198 19.79 3.40 18.24
CA ARG A 198 18.90 4.59 18.29
C ARG A 198 19.66 5.71 19.00
N VAL A 199 20.38 5.42 20.07
CA VAL A 199 21.17 6.47 20.79
C VAL A 199 22.24 7.04 19.86
N GLU A 200 22.87 6.21 19.02
CA GLU A 200 23.91 6.68 18.07
C GLU A 200 23.32 7.73 17.12
N ARG A 201 22.02 7.64 16.83
CA ARG A 201 21.35 8.54 15.85
C ARG A 201 20.84 9.80 16.51
N ILE A 202 21.05 9.99 17.81
CA ILE A 202 20.78 11.33 18.45
C ILE A 202 21.81 12.28 17.88
N PRO A 203 21.48 13.54 17.44
CA PRO A 203 20.16 14.15 17.61
C PRO A 203 19.14 14.12 16.47
N TRP A 204 19.37 13.30 15.43
CA TRP A 204 18.39 13.07 14.33
C TRP A 204 17.19 12.27 14.84
N LEU A 205 17.43 11.32 15.75
CA LEU A 205 16.36 10.48 16.37
C LEU A 205 15.37 11.38 17.12
N ALA A 206 14.07 11.27 16.84
CA ALA A 206 13.04 11.96 17.64
C ALA A 206 13.05 11.38 19.06
N PRO A 207 12.89 12.22 20.10
CA PRO A 207 13.01 11.77 21.48
C PRO A 207 11.97 10.71 21.85
N GLU A 208 10.79 10.74 21.21
CA GLU A 208 9.70 9.75 21.46
C GLU A 208 10.15 8.38 20.93
N CYS A 209 11.16 8.31 20.08
CA CYS A 209 11.66 7.04 19.50
C CYS A 209 12.79 6.45 20.34
N LEU A 210 13.22 7.14 21.39
CA LEU A 210 14.34 6.62 22.23
C LEU A 210 13.85 5.37 22.97
N PRO A 211 12.79 5.46 23.83
CA PRO A 211 12.28 4.29 24.56
C PRO A 211 11.92 3.05 23.72
N SER A 218 5.09 7.69 14.02
CA SER A 218 4.25 8.67 13.28
C SER A 218 5.15 9.62 12.48
N THR A 219 4.56 10.33 11.51
CA THR A 219 5.31 11.24 10.62
C THR A 219 5.91 12.39 11.43
N ALA A 220 5.42 12.64 12.65
CA ALA A 220 5.96 13.73 13.49
C ALA A 220 7.46 13.49 13.73
N MET A 221 7.93 12.25 13.74
CA MET A 221 9.37 11.99 13.98
C MET A 221 10.22 12.63 12.86
N ASP A 222 9.70 12.70 11.64
CA ASP A 222 10.43 13.26 10.48
C ASP A 222 10.51 14.79 10.58
N LYS A 223 9.57 15.42 11.29
CA LYS A 223 9.67 16.88 11.61
C LYS A 223 10.90 17.11 12.49
N TRP A 224 11.10 16.31 13.54
CA TRP A 224 12.32 16.40 14.38
C TRP A 224 13.56 16.12 13.51
N GLY A 225 13.57 15.03 12.76
CA GLY A 225 14.70 14.65 11.90
C GLY A 225 15.05 15.78 10.93
N PHE A 226 14.03 16.42 10.35
CA PHE A 226 14.19 17.57 9.43
C PHE A 226 14.92 18.70 10.17
N GLY A 227 14.42 19.03 11.36
CA GLY A 227 15.02 20.11 12.17
C GLY A 227 16.48 19.81 12.47
N ALA A 228 16.80 18.59 12.87
CA ALA A 228 18.19 18.19 13.21
C ALA A 228 19.06 18.30 11.96
N THR A 229 18.54 17.87 10.82
CA THR A 229 19.24 17.93 9.52
C THR A 229 19.45 19.39 9.10
N LEU A 230 18.51 20.29 9.36
CA LEU A 230 18.75 21.73 9.10
C LEU A 230 19.95 22.23 9.93
N LEU A 231 20.05 21.86 11.20
CA LEU A 231 21.21 22.26 12.04
C LEU A 231 22.50 21.71 11.41
N GLU A 232 22.47 20.43 11.07
CA GLU A 232 23.61 19.72 10.46
C GLU A 232 24.05 20.46 9.21
N ILE A 233 23.11 20.84 8.35
CA ILE A 233 23.40 21.60 7.11
C ILE A 233 23.98 22.98 7.48
N CYS A 234 23.32 23.70 8.38
CA CYS A 234 23.78 25.03 8.83
C CYS A 234 25.23 24.95 9.32
N PHE A 235 25.58 23.88 10.05
CA PHE A 235 26.91 23.66 10.66
C PHE A 235 27.84 22.86 9.74
N ASP A 236 27.59 22.88 8.43
CA ASP A 236 28.50 22.33 7.38
C ASP A 236 28.83 20.86 7.66
N GLY A 237 27.82 20.06 8.03
CA GLY A 237 27.94 18.60 8.17
C GLY A 237 28.46 18.18 9.53
N GLU A 238 28.63 19.11 10.47
CA GLU A 238 28.89 18.85 11.90
C GLU A 238 27.57 19.00 12.67
N ALA A 239 26.86 17.90 12.91
CA ALA A 239 25.60 17.94 13.70
C ALA A 239 25.93 18.09 15.18
N PRO A 240 25.01 18.66 16.00
CA PRO A 240 25.27 18.83 17.42
C PRO A 240 25.32 17.47 18.13
N LEU A 241 25.98 17.41 19.29
CA LEU A 241 26.08 16.24 20.21
C LEU A 241 26.96 15.13 19.62
N GLN A 242 27.76 15.43 18.58
CA GLN A 242 28.55 14.44 17.79
C GLN A 242 29.68 13.86 18.65
N SER A 243 30.42 14.71 19.36
CA SER A 243 31.56 14.33 20.23
C SER A 243 31.05 13.57 21.47
N ARG A 244 29.74 13.63 21.79
CA ARG A 244 29.21 13.18 23.11
C ARG A 244 29.02 11.66 23.15
N SER A 245 29.35 11.07 24.31
CA SER A 245 29.21 9.63 24.63
C SER A 245 27.75 9.22 24.60
N PRO A 246 27.43 7.91 24.46
CA PRO A 246 26.04 7.46 24.45
C PRO A 246 25.25 7.90 25.70
N SER A 247 25.84 7.80 26.89
CA SER A 247 25.14 8.18 28.15
C SER A 247 24.81 9.68 28.12
N GLU A 248 25.72 10.51 27.62
N GLU A 248 25.76 10.50 27.66
CA GLU A 248 25.55 11.99 27.56
CA GLU A 248 25.63 11.97 27.49
C GLU A 248 24.49 12.35 26.51
C GLU A 248 24.47 12.29 26.54
N LYS A 249 24.42 11.61 25.39
CA LYS A 249 23.37 11.85 24.36
C LYS A 249 22.01 11.47 24.95
N GLU A 250 21.93 10.31 25.59
CA GLU A 250 20.72 9.79 26.27
C GLU A 250 20.22 10.79 27.33
N HIS A 251 21.12 11.31 28.19
CA HIS A 251 20.75 12.26 29.29
C HIS A 251 20.22 13.57 28.70
N PHE A 252 20.81 14.00 27.58
CA PHE A 252 20.41 15.25 26.88
C PHE A 252 18.91 15.17 26.61
N TYR A 253 18.43 14.04 26.08
CA TYR A 253 16.99 13.81 25.75
C TYR A 253 16.18 13.64 27.03
N GLN A 254 16.69 12.88 27.99
CA GLN A 254 15.95 12.57 29.24
C GLN A 254 15.73 13.88 30.03
N ARG A 255 16.69 14.83 29.95
CA ARG A 255 16.63 16.13 30.65
C ARG A 255 15.88 17.15 29.79
N GLN A 256 15.56 16.79 28.54
CA GLN A 256 14.88 17.67 27.54
C GLN A 256 15.67 18.97 27.37
N HIS A 257 17.01 18.88 27.29
CA HIS A 257 17.86 20.03 26.91
C HIS A 257 17.47 20.46 25.49
N ARG A 258 17.45 21.77 25.23
CA ARG A 258 17.17 22.31 23.87
C ARG A 258 18.47 22.24 23.06
N LEU A 259 18.38 21.78 21.81
CA LEU A 259 19.50 21.78 20.83
C LEU A 259 19.83 23.21 20.47
N PRO A 260 21.08 23.49 20.03
CA PRO A 260 21.48 24.85 19.69
C PRO A 260 20.61 25.46 18.58
N GLU A 261 20.48 26.79 18.62
CA GLU A 261 19.85 27.64 17.58
C GLU A 261 20.94 28.26 16.72
N PRO A 262 20.81 28.22 15.37
CA PRO A 262 21.66 29.01 14.50
C PRO A 262 21.52 30.53 14.75
N SER A 263 22.47 31.34 14.28
CA SER A 263 22.49 32.82 14.48
C SER A 263 21.52 33.52 13.51
N CYS A 264 21.03 32.83 12.47
CA CYS A 264 19.91 33.31 11.63
C CYS A 264 18.58 33.14 12.39
N PRO A 265 17.96 34.23 12.90
CA PRO A 265 16.83 34.11 13.83
C PRO A 265 15.58 33.47 13.23
N GLN A 266 15.30 33.72 11.94
CA GLN A 266 14.11 33.19 11.21
C GLN A 266 14.28 31.68 11.00
N LEU A 267 15.50 31.22 10.70
CA LEU A 267 15.83 29.78 10.57
C LEU A 267 15.81 29.12 11.97
N ALA A 268 16.26 29.84 12.99
CA ALA A 268 16.27 29.38 14.39
C ALA A 268 14.83 29.14 14.88
N THR A 269 13.89 30.03 14.51
CA THR A 269 12.46 29.86 14.88
C THR A 269 11.95 28.54 14.31
N LEU A 270 12.26 28.28 13.04
CA LEU A 270 11.84 27.03 12.35
C LEU A 270 12.47 25.81 13.01
N THR A 271 13.79 25.78 13.20
CA THR A 271 14.49 24.60 13.76
C THR A 271 13.96 24.32 15.17
N SER A 272 13.74 25.36 15.99
N SER A 272 13.77 25.36 15.98
CA SER A 272 13.26 25.25 17.39
CA SER A 272 13.24 25.27 17.38
C SER A 272 11.85 24.65 17.44
C SER A 272 11.88 24.59 17.39
N GLN A 273 10.98 25.03 16.50
CA GLN A 273 9.61 24.46 16.39
C GLN A 273 9.68 22.98 16.02
N CYS A 274 10.54 22.60 15.07
CA CYS A 274 10.72 21.19 14.65
C CYS A 274 11.31 20.37 15.80
N LEU A 275 12.28 20.95 16.51
CA LEU A 275 13.00 20.27 17.62
C LEU A 275 12.27 20.56 18.94
N THR A 276 10.94 20.40 18.94
CA THR A 276 10.08 20.45 20.14
C THR A 276 9.85 19.02 20.62
N TYR A 277 10.01 18.79 21.91
CA TYR A 277 9.97 17.44 22.51
C TYR A 277 8.57 16.83 22.32
N GLU A 278 7.52 17.62 22.55
CA GLU A 278 6.12 17.15 22.35
C GLU A 278 5.86 17.04 20.85
N PRO A 279 5.68 15.80 20.32
CA PRO A 279 5.54 15.59 18.88
C PRO A 279 4.39 16.37 18.25
N THR A 280 3.26 16.48 18.96
CA THR A 280 2.03 17.15 18.43
C THR A 280 2.22 18.67 18.27
N GLN A 281 3.29 19.24 18.83
N GLN A 281 3.28 19.26 18.83
CA GLN A 281 3.58 20.70 18.82
CA GLN A 281 3.53 20.72 18.79
C GLN A 281 4.53 21.05 17.67
C GLN A 281 4.50 21.06 17.65
N ARG A 282 5.01 20.07 16.92
CA ARG A 282 5.89 20.35 15.75
C ARG A 282 5.02 20.83 14.59
N PRO A 283 5.51 21.77 13.77
CA PRO A 283 4.67 22.35 12.72
C PRO A 283 4.48 21.39 11.54
N SER A 284 3.37 21.54 10.82
CA SER A 284 3.10 20.80 9.57
C SER A 284 4.16 21.17 8.53
N PHE A 285 4.38 20.31 7.55
CA PHE A 285 5.25 20.63 6.39
C PHE A 285 4.61 21.73 5.54
N ARG A 286 3.31 21.94 5.60
CA ARG A 286 2.69 23.12 4.95
C ARG A 286 3.28 24.41 5.56
N THR A 287 3.31 24.50 6.90
CA THR A 287 3.89 25.65 7.63
C THR A 287 5.38 25.75 7.35
N ILE A 288 6.10 24.63 7.44
CA ILE A 288 7.58 24.59 7.20
C ILE A 288 7.87 25.14 5.81
N LEU A 289 7.18 24.65 4.77
CA LEU A 289 7.44 25.10 3.38
C LEU A 289 7.09 26.59 3.23
N ARG A 290 5.97 27.00 3.80
CA ARG A 290 5.53 28.42 3.85
C ARG A 290 6.70 29.24 4.41
N ASP A 291 7.25 28.85 5.56
CA ASP A 291 8.29 29.63 6.27
C ASP A 291 9.59 29.65 5.46
N LEU A 292 9.96 28.55 4.79
CA LEU A 292 11.23 28.45 4.01
C LEU A 292 11.16 29.29 2.74
N THR A 293 9.97 29.52 2.18
CA THR A 293 9.78 30.20 0.87
C THR A 293 9.50 31.69 1.08
N ARG A 294 9.92 32.26 2.21
CA ARG A 294 9.94 33.74 2.44
C ARG A 294 11.01 34.09 3.48
N LEU B 5 -12.97 32.70 -24.98
CA LEU B 5 -12.19 31.84 -24.04
C LEU B 5 -12.74 32.02 -22.64
N SER B 6 -12.63 30.98 -21.81
CA SER B 6 -13.14 30.98 -20.41
C SER B 6 -12.22 30.12 -19.54
N PHE B 7 -11.62 30.75 -18.54
CA PHE B 7 -10.73 30.11 -17.56
C PHE B 7 -10.57 31.08 -16.40
N HIS B 8 -10.20 30.54 -15.24
N HIS B 8 -10.23 30.54 -15.22
CA HIS B 8 -9.98 31.26 -13.96
CA HIS B 8 -9.99 31.33 -13.99
C HIS B 8 -8.64 32.01 -14.04
C HIS B 8 -8.64 32.04 -14.08
N ARG B 9 -8.62 33.30 -13.71
CA ARG B 9 -7.37 34.09 -13.55
C ARG B 9 -6.86 33.82 -12.13
N VAL B 10 -5.62 33.38 -12.01
CA VAL B 10 -4.96 33.11 -10.70
C VAL B 10 -4.01 34.29 -10.45
N ASP B 11 -4.16 34.94 -9.29
CA ASP B 11 -3.24 36.01 -8.84
C ASP B 11 -1.91 35.36 -8.50
N GLN B 12 -0.80 36.00 -8.87
CA GLN B 12 0.56 35.49 -8.55
C GLN B 12 0.75 35.31 -7.03
N LYS B 13 0.02 36.08 -6.21
N LYS B 13 0.03 36.07 -6.20
CA LYS B 13 0.10 35.98 -4.72
CA LYS B 13 0.16 36.00 -4.72
C LYS B 13 -0.39 34.60 -4.26
C LYS B 13 -0.40 34.67 -4.18
N GLU B 14 -1.23 33.92 -5.06
N GLU B 14 -1.14 33.91 -4.98
CA GLU B 14 -1.87 32.63 -4.68
CA GLU B 14 -1.78 32.63 -4.54
C GLU B 14 -0.90 31.45 -4.89
C GLU B 14 -0.94 31.42 -4.97
N ILE B 15 0.17 31.63 -5.68
CA ILE B 15 1.02 30.49 -6.10
C ILE B 15 2.44 30.61 -5.55
N THR B 16 3.00 29.46 -5.21
CA THR B 16 4.41 29.28 -4.79
C THR B 16 5.05 28.28 -5.76
N GLN B 17 6.24 28.60 -6.25
CA GLN B 17 6.99 27.73 -7.18
C GLN B 17 8.02 26.94 -6.38
N LEU B 18 7.96 25.62 -6.45
CA LEU B 18 8.93 24.69 -5.82
C LEU B 18 9.79 24.10 -6.92
N SER B 19 10.10 22.81 -6.90
CA SER B 19 11.19 22.26 -7.75
C SER B 19 10.74 22.09 -9.21
N HIS B 20 11.72 22.26 -10.10
CA HIS B 20 11.64 21.99 -11.55
C HIS B 20 11.42 20.50 -11.75
N LEU B 21 10.39 20.15 -12.52
CA LEU B 21 10.05 18.77 -12.88
C LEU B 21 10.49 18.45 -14.33
N GLY B 22 10.67 19.46 -15.18
CA GLY B 22 11.05 19.20 -16.58
C GLY B 22 10.46 20.21 -17.54
N GLN B 23 10.61 19.93 -18.82
CA GLN B 23 10.21 20.86 -19.90
C GLN B 23 9.08 20.22 -20.70
N GLY B 24 8.16 21.05 -21.15
CA GLY B 24 7.21 20.76 -22.24
C GLY B 24 7.48 21.69 -23.40
N THR B 25 6.65 21.65 -24.42
CA THR B 25 6.81 22.52 -25.60
C THR B 25 6.66 23.98 -25.14
N ARG B 26 7.75 24.75 -25.20
CA ARG B 26 7.83 26.18 -24.83
C ARG B 26 7.56 26.40 -23.35
N THR B 27 7.67 25.35 -22.51
CA THR B 27 7.32 25.46 -21.07
C THR B 27 8.37 24.81 -20.16
N ASN B 28 8.41 25.33 -18.94
CA ASN B 28 9.08 24.70 -17.77
C ASN B 28 7.99 24.36 -16.77
N VAL B 29 8.07 23.14 -16.24
CA VAL B 29 7.03 22.59 -15.33
C VAL B 29 7.66 22.48 -13.96
N TYR B 30 6.95 22.96 -12.95
CA TYR B 30 7.40 23.02 -11.54
C TYR B 30 6.35 22.40 -10.66
N GLU B 31 6.80 21.75 -9.58
CA GLU B 31 5.89 21.49 -8.46
C GLU B 31 5.53 22.86 -7.90
N GLY B 32 4.30 23.02 -7.43
CA GLY B 32 3.90 24.29 -6.81
C GLY B 32 2.86 24.11 -5.72
N ARG B 33 2.49 25.22 -5.12
CA ARG B 33 1.35 25.29 -4.18
C ARG B 33 0.40 26.37 -4.65
N LEU B 34 -0.90 26.10 -4.58
CA LEU B 34 -1.99 27.07 -4.85
C LEU B 34 -2.74 27.30 -3.55
N ARG B 35 -2.79 28.56 -3.11
CA ARG B 35 -3.56 28.95 -1.91
C ARG B 35 -5.03 29.08 -2.33
N VAL B 36 -5.89 28.45 -1.55
CA VAL B 36 -7.37 28.36 -1.74
C VAL B 36 -8.06 28.78 -0.43
N GLN B 61 -5.97 26.36 2.86
CA GLN B 61 -5.41 25.20 2.12
C GLN B 61 -4.26 25.66 1.21
N GLU B 62 -3.15 24.92 1.24
CA GLU B 62 -2.03 25.05 0.29
C GLU B 62 -2.06 23.79 -0.60
N LEU B 63 -2.70 23.84 -1.77
CA LEU B 63 -2.92 22.65 -2.63
C LEU B 63 -1.67 22.40 -3.50
N ARG B 64 -1.18 21.17 -3.50
CA ARG B 64 -0.07 20.77 -4.40
C ARG B 64 -0.59 20.82 -5.84
N VAL B 65 0.14 21.48 -6.73
CA VAL B 65 -0.25 21.64 -8.15
C VAL B 65 1.04 21.54 -8.98
N VAL B 66 0.91 21.59 -10.30
CA VAL B 66 2.08 21.87 -11.16
C VAL B 66 1.85 23.24 -11.81
N LEU B 67 2.96 23.94 -12.00
CA LEU B 67 3.03 25.25 -12.66
C LEU B 67 3.69 25.03 -14.00
N LYS B 68 2.97 25.30 -15.09
CA LYS B 68 3.51 25.21 -16.45
C LYS B 68 3.79 26.63 -16.92
N VAL B 69 5.07 27.01 -16.84
CA VAL B 69 5.53 28.39 -17.11
C VAL B 69 5.88 28.47 -18.60
N LEU B 70 5.11 29.27 -19.33
CA LEU B 70 5.34 29.51 -20.78
C LEU B 70 6.51 30.45 -20.89
N ASP B 71 7.45 30.13 -21.78
CA ASP B 71 8.52 31.09 -22.15
C ASP B 71 7.90 32.39 -22.65
N PRO B 72 8.64 33.53 -22.59
CA PRO B 72 8.21 34.74 -23.27
C PRO B 72 8.08 34.38 -24.76
N SER B 73 6.91 34.64 -25.34
CA SER B 73 6.49 34.02 -26.61
C SER B 73 5.82 35.06 -27.47
N HIS B 74 5.74 34.76 -28.77
CA HIS B 74 4.88 35.46 -29.76
C HIS B 74 3.42 35.35 -29.31
N HIS B 75 2.63 36.36 -29.65
CA HIS B 75 1.17 36.44 -29.37
C HIS B 75 0.50 35.11 -29.72
N ASP B 76 0.83 34.50 -30.87
CA ASP B 76 0.12 33.30 -31.40
C ASP B 76 0.32 32.11 -30.45
N ILE B 77 1.48 32.02 -29.81
CA ILE B 77 1.88 30.93 -28.88
C ILE B 77 1.14 31.17 -27.56
N ALA B 78 1.15 32.41 -27.07
CA ALA B 78 0.42 32.76 -25.83
C ALA B 78 -1.07 32.48 -26.04
N LEU B 79 -1.63 32.85 -27.21
CA LEU B 79 -3.07 32.60 -27.47
C LEU B 79 -3.34 31.08 -27.48
N ALA B 80 -2.53 30.28 -28.19
CA ALA B 80 -2.67 28.81 -28.21
C ALA B 80 -2.65 28.26 -26.77
N PHE B 81 -1.80 28.80 -25.89
CA PHE B 81 -1.69 28.41 -24.47
C PHE B 81 -3.03 28.69 -23.77
N TYR B 82 -3.58 29.89 -23.93
CA TYR B 82 -4.88 30.30 -23.34
C TYR B 82 -6.00 29.41 -23.89
N GLU B 83 -5.94 29.09 -25.18
CA GLU B 83 -6.95 28.23 -25.84
C GLU B 83 -6.96 26.86 -25.15
N THR B 84 -5.78 26.32 -24.87
CA THR B 84 -5.66 25.05 -24.13
C THR B 84 -6.28 25.20 -22.73
N ALA B 85 -5.96 26.29 -22.02
CA ALA B 85 -6.52 26.50 -20.67
C ALA B 85 -8.05 26.58 -20.79
N SER B 86 -8.56 27.22 -21.84
CA SER B 86 -10.03 27.40 -22.04
C SER B 86 -10.69 26.03 -22.27
N LEU B 87 -10.11 25.21 -23.15
CA LEU B 87 -10.59 23.82 -23.45
C LEU B 87 -10.66 23.02 -22.15
N MET B 88 -9.57 22.98 -21.40
CA MET B 88 -9.47 22.07 -20.23
C MET B 88 -10.35 22.57 -19.07
N SER B 89 -10.62 23.87 -19.00
CA SER B 89 -11.42 24.49 -17.93
C SER B 89 -12.91 24.19 -18.12
N GLN B 90 -13.30 23.80 -19.35
N GLN B 90 -13.34 23.77 -19.30
CA GLN B 90 -14.70 23.60 -19.81
CA GLN B 90 -14.78 23.58 -19.58
C GLN B 90 -15.11 22.12 -19.71
C GLN B 90 -15.09 22.09 -19.85
N VAL B 91 -14.13 21.20 -19.63
CA VAL B 91 -14.38 19.73 -19.68
C VAL B 91 -14.17 19.14 -18.29
N SER B 92 -14.77 17.98 -18.05
CA SER B 92 -14.58 17.17 -16.82
C SER B 92 -14.64 15.70 -17.22
N HIS B 93 -13.68 14.93 -16.73
CA HIS B 93 -13.70 13.46 -16.81
C HIS B 93 -12.66 12.93 -15.84
N THR B 94 -12.95 11.79 -15.24
CA THR B 94 -12.07 11.26 -14.17
C THR B 94 -10.67 10.93 -14.72
N HIS B 95 -10.54 10.74 -16.04
CA HIS B 95 -9.23 10.45 -16.68
C HIS B 95 -8.71 11.66 -17.45
N LEU B 96 -9.21 12.86 -17.15
CA LEU B 96 -8.59 14.12 -17.63
C LEU B 96 -8.02 14.90 -16.44
N ALA B 97 -6.77 15.34 -16.53
CA ALA B 97 -6.17 16.22 -15.51
C ALA B 97 -6.97 17.51 -15.36
N PHE B 98 -7.06 18.03 -14.14
CA PHE B 98 -7.78 19.28 -13.82
C PHE B 98 -6.88 20.49 -14.09
N VAL B 99 -7.47 21.55 -14.66
CA VAL B 99 -6.79 22.87 -14.85
C VAL B 99 -7.43 23.86 -13.87
N HIS B 100 -6.61 24.46 -13.01
CA HIS B 100 -7.00 25.45 -11.97
C HIS B 100 -7.15 26.86 -12.56
N GLY B 101 -6.40 27.19 -13.59
CA GLY B 101 -6.49 28.52 -14.21
C GLY B 101 -5.13 28.93 -14.71
N VAL B 102 -5.02 30.21 -15.05
CA VAL B 102 -3.79 30.79 -15.65
C VAL B 102 -3.41 32.02 -14.82
N CYS B 103 -2.14 32.09 -14.47
CA CYS B 103 -1.55 33.22 -13.73
C CYS B 103 -0.60 33.97 -14.65
N VAL B 104 -0.77 35.28 -14.73
CA VAL B 104 0.22 36.19 -15.37
C VAL B 104 1.17 36.68 -14.27
N ARG B 105 2.42 36.22 -14.31
CA ARG B 105 3.52 36.63 -13.39
C ARG B 105 4.53 37.39 -14.25
N GLY B 106 4.36 38.71 -14.43
CA GLY B 106 5.19 39.53 -15.34
C GLY B 106 5.11 39.00 -16.77
N PRO B 107 6.24 38.77 -17.49
CA PRO B 107 6.18 38.27 -18.87
C PRO B 107 5.86 36.76 -18.97
N GLU B 108 5.56 36.12 -17.83
CA GLU B 108 5.35 34.64 -17.74
C GLU B 108 3.87 34.33 -17.57
N ASN B 109 3.32 33.64 -18.55
CA ASN B 109 1.96 33.04 -18.48
C ASN B 109 2.14 31.67 -17.82
N ILE B 110 1.39 31.39 -16.77
CA ILE B 110 1.56 30.14 -15.98
C ILE B 110 0.24 29.37 -15.96
N MET B 111 0.24 28.15 -16.48
CA MET B 111 -0.97 27.32 -16.39
C MET B 111 -0.85 26.52 -15.10
N VAL B 112 -1.86 26.61 -14.25
CA VAL B 112 -1.84 25.93 -12.92
C VAL B 112 -2.69 24.68 -13.08
N THR B 113 -2.08 23.50 -12.99
CA THR B 113 -2.77 22.23 -13.34
C THR B 113 -2.53 21.18 -12.26
N GLU B 114 -3.20 20.04 -12.42
CA GLU B 114 -3.22 18.96 -11.41
C GLU B 114 -1.85 18.34 -11.30
N TYR B 115 -1.36 18.23 -10.05
CA TYR B 115 -0.17 17.41 -9.75
C TYR B 115 -0.63 15.94 -9.69
N VAL B 116 -0.02 15.08 -10.48
CA VAL B 116 -0.42 13.65 -10.51
C VAL B 116 0.77 12.85 -10.01
N GLU B 117 0.50 12.08 -8.96
CA GLU B 117 1.56 11.55 -8.06
C GLU B 117 2.76 10.94 -8.81
N HIS B 118 2.58 9.97 -9.70
CA HIS B 118 3.72 9.14 -10.17
C HIS B 118 4.29 9.67 -11.49
N GLY B 119 3.78 10.80 -11.99
CA GLY B 119 4.38 11.52 -13.12
C GLY B 119 4.05 10.88 -14.48
N PRO B 120 4.80 11.29 -15.51
CA PRO B 120 4.52 10.90 -16.89
C PRO B 120 4.71 9.39 -17.11
N LEU B 121 3.82 8.79 -17.91
CA LEU B 121 3.82 7.32 -18.10
C LEU B 121 5.03 6.88 -18.89
N ASP B 122 5.49 7.67 -19.85
CA ASP B 122 6.61 7.26 -20.74
C ASP B 122 7.86 6.97 -19.89
N VAL B 123 8.24 7.94 -19.04
N VAL B 123 8.21 7.90 -19.00
CA VAL B 123 9.36 7.85 -18.07
CA VAL B 123 9.44 7.78 -18.13
C VAL B 123 9.15 6.60 -17.21
C VAL B 123 9.21 6.69 -17.08
N TRP B 124 7.97 6.50 -16.62
CA TRP B 124 7.64 5.45 -15.64
C TRP B 124 7.82 4.07 -16.29
N LEU B 125 7.35 3.89 -17.53
CA LEU B 125 7.43 2.57 -18.23
C LEU B 125 8.89 2.22 -18.50
N ARG B 126 9.69 3.18 -18.91
CA ARG B 126 11.14 2.94 -19.17
C ARG B 126 11.80 2.48 -17.86
N ARG B 127 11.51 3.14 -16.75
CA ARG B 127 12.05 2.84 -15.39
C ARG B 127 11.58 1.43 -14.97
N GLU B 128 10.35 1.05 -15.32
CA GLU B 128 9.72 -0.23 -14.88
C GLU B 128 9.81 -1.34 -15.95
N ARG B 129 10.58 -1.12 -17.01
N ARG B 129 10.58 -1.12 -17.01
CA ARG B 129 10.65 -2.03 -18.19
CA ARG B 129 10.66 -2.04 -18.18
C ARG B 129 10.92 -3.47 -17.71
C ARG B 129 10.90 -3.47 -17.68
N GLY B 130 10.15 -4.43 -18.23
CA GLY B 130 10.30 -5.86 -17.96
C GLY B 130 9.42 -6.37 -16.84
N HIS B 131 8.69 -5.52 -16.11
CA HIS B 131 7.80 -6.06 -15.04
C HIS B 131 6.49 -5.28 -14.97
N VAL B 132 6.03 -4.78 -16.11
CA VAL B 132 4.68 -4.18 -16.26
C VAL B 132 3.84 -5.20 -17.03
N PRO B 133 2.87 -5.86 -16.37
CA PRO B 133 2.11 -6.91 -17.03
C PRO B 133 1.20 -6.36 -18.12
N MET B 134 0.82 -7.23 -19.05
CA MET B 134 -0.10 -6.90 -20.18
C MET B 134 -1.46 -6.47 -19.63
N ALA B 135 -1.97 -7.14 -18.58
CA ALA B 135 -3.29 -6.80 -17.97
C ALA B 135 -3.31 -5.32 -17.52
N TRP B 136 -2.23 -4.84 -16.92
CA TRP B 136 -2.03 -3.44 -16.44
C TRP B 136 -2.11 -2.50 -17.65
N LYS B 137 -1.38 -2.83 -18.71
CA LYS B 137 -1.37 -2.01 -19.94
C LYS B 137 -2.79 -1.92 -20.53
N MET B 138 -3.56 -3.00 -20.49
CA MET B 138 -4.93 -3.01 -21.06
C MET B 138 -5.86 -2.11 -20.22
N VAL B 139 -5.65 -2.05 -18.91
CA VAL B 139 -6.44 -1.12 -18.06
C VAL B 139 -6.12 0.32 -18.46
N VAL B 140 -4.84 0.65 -18.63
CA VAL B 140 -4.45 2.05 -18.97
C VAL B 140 -5.04 2.38 -20.36
N ALA B 141 -4.99 1.44 -21.28
CA ALA B 141 -5.55 1.62 -22.65
C ALA B 141 -7.05 1.97 -22.53
N GLN B 142 -7.77 1.23 -21.70
N GLN B 142 -7.78 1.22 -21.70
CA GLN B 142 -9.23 1.45 -21.52
CA GLN B 142 -9.24 1.42 -21.48
C GLN B 142 -9.49 2.83 -20.92
C GLN B 142 -9.49 2.82 -20.91
N GLN B 143 -8.71 3.23 -19.90
CA GLN B 143 -8.93 4.52 -19.22
C GLN B 143 -8.67 5.67 -20.19
N LEU B 144 -7.60 5.55 -20.98
CA LEU B 144 -7.28 6.57 -22.00
C LEU B 144 -8.39 6.64 -23.06
N ALA B 145 -8.87 5.50 -23.53
CA ALA B 145 -10.00 5.42 -24.50
C ALA B 145 -11.26 6.05 -23.89
N SER B 146 -11.51 5.91 -22.58
N SER B 146 -11.51 5.85 -22.58
CA SER B 146 -12.72 6.51 -21.94
CA SER B 146 -12.64 6.49 -21.85
C SER B 146 -12.58 8.04 -21.85
C SER B 146 -12.55 8.01 -21.97
N ALA B 147 -11.39 8.59 -21.63
CA ALA B 147 -11.12 10.04 -21.70
C ALA B 147 -11.41 10.52 -23.13
N LEU B 148 -10.87 9.80 -24.11
CA LEU B 148 -10.95 10.26 -25.53
C LEU B 148 -12.36 10.03 -26.10
N SER B 149 -13.08 9.03 -25.59
CA SER B 149 -14.49 8.75 -25.96
C SER B 149 -15.31 9.97 -25.53
N TYR B 150 -15.04 10.48 -24.33
CA TYR B 150 -15.70 11.69 -23.79
C TYR B 150 -15.39 12.88 -24.73
N LEU B 151 -14.11 13.11 -25.04
CA LEU B 151 -13.74 14.28 -25.89
C LEU B 151 -14.36 14.14 -27.28
N GLU B 152 -14.38 12.93 -27.83
CA GLU B 152 -15.00 12.66 -29.14
C GLU B 152 -16.49 13.06 -29.08
N ASN B 153 -17.18 12.66 -28.03
CA ASN B 153 -18.63 12.99 -27.86
C ASN B 153 -18.82 14.51 -27.79
N LYS B 154 -17.88 15.26 -27.19
CA LYS B 154 -17.90 16.74 -27.09
C LYS B 154 -17.42 17.38 -28.40
N ASN B 155 -16.94 16.58 -29.34
CA ASN B 155 -16.29 17.05 -30.60
C ASN B 155 -15.14 18.00 -30.23
N LEU B 156 -14.34 17.63 -29.25
CA LEU B 156 -13.18 18.45 -28.83
C LEU B 156 -11.91 17.68 -29.16
N VAL B 157 -10.93 18.38 -29.71
CA VAL B 157 -9.61 17.79 -30.06
C VAL B 157 -8.64 18.01 -28.90
N HIS B 158 -7.94 16.96 -28.47
CA HIS B 158 -6.79 17.10 -27.54
C HIS B 158 -5.54 17.53 -28.34
N GLY B 159 -5.15 16.71 -29.32
CA GLY B 159 -4.09 17.01 -30.29
C GLY B 159 -2.69 16.71 -29.78
N ASN B 160 -2.54 16.13 -28.60
CA ASN B 160 -1.18 15.80 -28.09
C ASN B 160 -1.23 14.55 -27.22
N VAL B 161 -1.88 13.50 -27.73
CA VAL B 161 -1.98 12.19 -27.03
C VAL B 161 -0.64 11.46 -27.20
N CYS B 162 0.04 11.20 -26.09
CA CYS B 162 1.35 10.51 -26.02
C CYS B 162 1.59 10.10 -24.58
N GLY B 163 2.52 9.18 -24.36
CA GLY B 163 2.85 8.67 -23.02
C GLY B 163 3.32 9.80 -22.10
N ARG B 164 4.01 10.82 -22.62
CA ARG B 164 4.47 11.97 -21.81
C ARG B 164 3.27 12.66 -21.16
N ASN B 165 2.14 12.71 -21.86
CA ASN B 165 0.93 13.42 -21.35
C ASN B 165 0.00 12.49 -20.58
N ILE B 166 0.37 11.22 -20.42
N ILE B 166 0.34 11.21 -20.47
CA ILE B 166 -0.42 10.29 -19.59
CA ILE B 166 -0.42 10.28 -19.60
C ILE B 166 0.22 10.26 -18.20
C ILE B 166 0.24 10.34 -18.22
N LEU B 167 -0.51 10.73 -17.20
CA LEU B 167 0.03 10.91 -15.83
C LEU B 167 -0.51 9.80 -14.93
N LEU B 168 0.37 9.15 -14.19
CA LEU B 168 -0.03 7.96 -13.40
C LEU B 168 -0.38 8.42 -11.98
N ALA B 169 -1.66 8.38 -11.61
CA ALA B 169 -2.17 8.76 -10.27
C ALA B 169 -2.05 7.60 -9.28
N ARG B 170 -2.24 6.37 -9.74
N ARG B 170 -2.24 6.36 -9.74
CA ARG B 170 -2.16 5.16 -8.88
CA ARG B 170 -2.20 5.14 -8.88
C ARG B 170 -1.35 4.10 -9.63
C ARG B 170 -1.37 4.08 -9.61
N LEU B 171 -0.41 3.47 -8.91
CA LEU B 171 0.63 2.56 -9.51
C LEU B 171 -0.03 1.31 -10.07
N GLY B 172 -0.91 0.66 -9.30
CA GLY B 172 -1.63 -0.57 -9.67
C GLY B 172 -0.71 -1.78 -9.89
N LEU B 173 0.48 -1.82 -9.27
CA LEU B 173 1.41 -2.98 -9.41
C LEU B 173 1.22 -3.97 -8.26
N ALA B 174 0.89 -3.49 -7.06
CA ALA B 174 0.63 -4.32 -5.86
C ALA B 174 -0.56 -5.26 -6.14
N GLU B 175 -0.46 -6.54 -5.74
CA GLU B 175 -1.58 -7.52 -5.88
C GLU B 175 -2.89 -6.87 -5.41
N GLY B 176 -3.98 -7.08 -6.13
CA GLY B 176 -5.32 -6.53 -5.79
C GLY B 176 -5.54 -5.11 -6.27
N THR B 177 -4.50 -4.34 -6.66
CA THR B 177 -4.66 -2.91 -7.07
C THR B 177 -4.75 -2.80 -8.60
N SER B 178 -5.18 -1.65 -9.10
CA SER B 178 -5.19 -1.35 -10.56
C SER B 178 -4.69 0.07 -10.77
N PRO B 179 -4.08 0.36 -11.93
CA PRO B 179 -3.56 1.70 -12.17
C PRO B 179 -4.71 2.68 -12.42
N PHE B 180 -4.38 3.97 -12.41
CA PHE B 180 -5.33 5.05 -12.68
C PHE B 180 -4.56 6.22 -13.27
N ILE B 181 -4.96 6.66 -14.46
CA ILE B 181 -4.22 7.70 -15.23
C ILE B 181 -5.06 8.96 -15.33
N LYS B 182 -4.37 10.05 -15.59
CA LYS B 182 -4.96 11.36 -15.93
C LYS B 182 -4.27 11.79 -17.22
N LEU B 183 -5.03 12.09 -18.27
CA LEU B 183 -4.46 12.73 -19.49
C LEU B 183 -4.28 14.21 -19.19
N SER B 184 -3.03 14.65 -19.25
CA SER B 184 -2.60 16.07 -19.14
C SER B 184 -3.30 16.93 -20.19
N ASP B 185 -3.44 18.20 -19.88
CA ASP B 185 -3.70 19.24 -20.89
C ASP B 185 -2.66 19.09 -21.98
N PRO B 186 -3.01 19.40 -23.25
CA PRO B 186 -2.08 19.27 -24.37
C PRO B 186 -0.97 20.35 -24.47
N GLY B 187 -0.96 21.32 -23.55
CA GLY B 187 -0.03 22.46 -23.60
C GLY B 187 -0.29 23.33 -24.81
N VAL B 188 0.73 24.01 -25.32
CA VAL B 188 0.56 24.89 -26.50
C VAL B 188 -0.10 24.07 -27.62
N GLY B 189 -1.21 24.57 -28.15
CA GLY B 189 -1.98 23.94 -29.25
C GLY B 189 -1.08 23.64 -30.43
N LEU B 190 -1.22 22.44 -30.96
CA LEU B 190 -0.45 21.93 -32.12
C LEU B 190 -0.43 22.98 -33.25
N GLY B 191 -1.54 23.71 -33.45
CA GLY B 191 -1.71 24.66 -34.58
C GLY B 191 -0.71 25.81 -34.57
N ALA B 192 -0.11 26.13 -33.42
CA ALA B 192 0.79 27.28 -33.20
C ALA B 192 2.26 26.85 -33.33
N LEU B 193 2.53 25.55 -33.39
CA LEU B 193 3.91 25.01 -33.32
C LEU B 193 4.60 25.07 -34.70
N SER B 194 5.93 25.08 -34.74
CA SER B 194 6.71 25.08 -36.00
C SER B 194 6.58 23.71 -36.66
N ARG B 195 6.87 23.64 -37.94
CA ARG B 195 6.95 22.35 -38.68
C ARG B 195 7.96 21.44 -37.97
N GLU B 196 9.11 21.98 -37.55
N GLU B 196 9.12 21.98 -37.57
CA GLU B 196 10.19 21.20 -36.89
CA GLU B 196 10.19 21.23 -36.87
C GLU B 196 9.64 20.53 -35.63
C GLU B 196 9.62 20.51 -35.65
N GLU B 197 8.84 21.24 -34.83
CA GLU B 197 8.21 20.71 -33.59
C GLU B 197 7.16 19.64 -33.95
N ARG B 198 6.43 19.80 -35.05
CA ARG B 198 5.44 18.76 -35.45
C ARG B 198 6.20 17.50 -35.86
N VAL B 199 7.31 17.64 -36.58
CA VAL B 199 8.10 16.46 -37.03
C VAL B 199 8.64 15.71 -35.81
N GLU B 200 9.11 16.44 -34.78
CA GLU B 200 9.64 15.86 -33.53
C GLU B 200 8.57 15.00 -32.86
N ARG B 201 7.29 15.27 -33.13
CA ARG B 201 6.16 14.53 -32.50
C ARG B 201 5.77 13.31 -33.32
N ILE B 202 6.44 13.02 -34.43
CA ILE B 202 6.23 11.73 -35.14
C ILE B 202 6.74 10.63 -34.20
N PRO B 203 6.05 9.48 -34.01
CA PRO B 203 4.82 9.12 -34.71
C PRO B 203 3.49 9.32 -33.98
N TRP B 204 3.47 10.10 -32.91
CA TRP B 204 2.20 10.48 -32.22
C TRP B 204 1.42 11.43 -33.11
N LEU B 205 2.11 12.33 -33.81
CA LEU B 205 1.49 13.30 -34.76
C LEU B 205 0.78 12.56 -35.88
N ALA B 206 -0.50 12.86 -36.11
CA ALA B 206 -1.27 12.32 -37.25
C ALA B 206 -0.63 12.86 -38.53
N PRO B 207 -0.50 12.04 -39.60
CA PRO B 207 0.18 12.48 -40.83
C PRO B 207 -0.47 13.70 -41.52
N GLU B 208 -1.79 13.82 -41.43
CA GLU B 208 -2.52 14.98 -42.01
C GLU B 208 -2.09 16.26 -41.29
N CYS B 209 -1.52 16.20 -40.09
CA CYS B 209 -1.12 17.41 -39.31
C CYS B 209 0.31 17.84 -39.63
N LEU B 210 1.06 17.05 -40.41
CA LEU B 210 2.44 17.40 -40.77
C LEU B 210 2.42 18.64 -41.69
N PRO B 211 1.67 18.66 -42.82
CA PRO B 211 1.70 19.81 -43.74
C PRO B 211 0.90 21.06 -43.34
N SER B 216 -7.41 19.44 -41.33
CA SER B 216 -6.64 18.53 -40.43
C SER B 216 -7.10 18.65 -38.98
N LEU B 217 -7.69 19.79 -38.58
CA LEU B 217 -8.23 20.02 -37.20
C LEU B 217 -9.52 19.20 -37.03
N SER B 218 -9.39 17.99 -36.48
CA SER B 218 -10.44 16.94 -36.39
C SER B 218 -10.11 16.00 -35.23
N THR B 219 -11.13 15.40 -34.60
CA THR B 219 -10.90 14.43 -33.50
C THR B 219 -10.20 13.20 -34.08
N ALA B 220 -10.25 13.00 -35.40
CA ALA B 220 -9.51 11.92 -36.12
C ALA B 220 -8.03 11.88 -35.70
N MET B 221 -7.36 13.03 -35.51
CA MET B 221 -5.91 13.03 -35.15
C MET B 221 -5.69 12.34 -33.80
N ASP B 222 -6.65 12.39 -32.89
CA ASP B 222 -6.51 11.75 -31.55
C ASP B 222 -6.63 10.22 -31.67
N LYS B 223 -7.30 9.71 -32.70
CA LYS B 223 -7.35 8.24 -32.93
C LYS B 223 -5.95 7.76 -33.31
N TRP B 224 -5.26 8.49 -34.18
CA TRP B 224 -3.87 8.16 -34.55
C TRP B 224 -2.98 8.27 -33.32
N GLY B 225 -3.09 9.39 -32.60
CA GLY B 225 -2.31 9.64 -31.36
C GLY B 225 -2.50 8.51 -30.37
N PHE B 226 -3.73 8.07 -30.22
CA PHE B 226 -4.11 6.95 -29.32
C PHE B 226 -3.39 5.68 -29.78
N GLY B 227 -3.44 5.38 -31.08
CA GLY B 227 -2.78 4.20 -31.66
C GLY B 227 -1.29 4.23 -31.40
N ALA B 228 -0.64 5.38 -31.58
CA ALA B 228 0.82 5.52 -31.41
C ALA B 228 1.18 5.33 -29.94
N THR B 229 0.33 5.85 -29.05
CA THR B 229 0.51 5.74 -27.59
C THR B 229 0.32 4.28 -27.15
N LEU B 230 -0.59 3.51 -27.74
CA LEU B 230 -0.70 2.05 -27.43
C LEU B 230 0.61 1.34 -27.79
N LEU B 231 1.23 1.66 -28.94
CA LEU B 231 2.55 1.09 -29.32
C LEU B 231 3.58 1.43 -28.24
N GLU B 232 3.62 2.72 -27.85
CA GLU B 232 4.59 3.24 -26.87
C GLU B 232 4.41 2.47 -25.55
N ILE B 233 3.17 2.25 -25.12
CA ILE B 233 2.89 1.49 -23.87
C ILE B 233 3.29 0.03 -24.05
N CYS B 234 2.85 -0.59 -25.13
CA CYS B 234 3.21 -2.00 -25.44
C CYS B 234 4.73 -2.16 -25.35
N PHE B 235 5.50 -1.18 -25.85
CA PHE B 235 6.99 -1.29 -25.94
C PHE B 235 7.66 -0.63 -24.72
N ASP B 236 6.97 -0.58 -23.57
CA ASP B 236 7.53 -0.13 -22.28
C ASP B 236 8.19 1.25 -22.44
N GLY B 237 7.53 2.17 -23.15
CA GLY B 237 7.94 3.59 -23.23
C GLY B 237 8.91 3.86 -24.36
N GLU B 238 9.23 2.87 -25.18
CA GLU B 238 10.04 3.00 -26.42
C GLU B 238 9.09 3.06 -27.63
N ALA B 239 8.77 4.25 -28.12
CA ALA B 239 7.87 4.45 -29.29
C ALA B 239 8.67 4.22 -30.57
N PRO B 240 8.06 3.69 -31.65
CA PRO B 240 8.77 3.51 -32.90
C PRO B 240 9.35 4.85 -33.39
N LEU B 241 10.54 4.82 -34.01
CA LEU B 241 11.19 5.91 -34.80
C LEU B 241 11.96 6.90 -33.91
N GLN B 242 12.02 6.71 -32.59
CA GLN B 242 12.57 7.74 -31.66
C GLN B 242 14.10 7.82 -31.77
N SER B 243 14.78 6.78 -32.26
CA SER B 243 16.25 6.78 -32.48
C SER B 243 16.58 7.42 -33.83
N ARG B 244 15.57 7.85 -34.59
CA ARG B 244 15.74 8.40 -35.97
C ARG B 244 15.77 9.92 -35.93
N SER B 245 16.46 10.51 -36.89
CA SER B 245 16.53 11.98 -37.08
C SER B 245 15.15 12.49 -37.48
N PRO B 246 14.88 13.80 -37.26
CA PRO B 246 13.70 14.47 -37.80
C PRO B 246 13.44 14.21 -39.29
N SER B 247 14.46 14.33 -40.12
CA SER B 247 14.33 14.14 -41.59
C SER B 247 13.88 12.70 -41.88
N GLU B 248 14.37 11.72 -41.11
CA GLU B 248 14.03 10.29 -41.33
C GLU B 248 12.64 9.99 -40.78
N LYS B 249 12.22 10.64 -39.69
CA LYS B 249 10.80 10.52 -39.25
C LYS B 249 9.87 11.07 -40.36
N GLU B 250 10.17 12.26 -40.87
CA GLU B 250 9.37 12.87 -41.98
C GLU B 250 9.35 11.94 -43.20
N HIS B 251 10.50 11.37 -43.57
CA HIS B 251 10.61 10.46 -44.74
C HIS B 251 9.66 9.26 -44.57
N PHE B 252 9.58 8.72 -43.36
CA PHE B 252 8.71 7.56 -43.02
C PHE B 252 7.25 7.92 -43.37
N TYR B 253 6.79 9.10 -42.97
CA TYR B 253 5.43 9.58 -43.30
C TYR B 253 5.28 9.83 -44.81
N GLN B 254 6.31 10.41 -45.44
N GLN B 254 6.31 10.38 -45.45
CA GLN B 254 6.33 10.69 -46.90
CA GLN B 254 6.26 10.71 -46.91
C GLN B 254 6.01 9.41 -47.67
C GLN B 254 6.04 9.42 -47.72
N ARG B 255 6.73 8.33 -47.36
CA ARG B 255 6.56 6.99 -48.00
C ARG B 255 5.28 6.29 -47.50
N GLN B 256 4.61 6.84 -46.49
CA GLN B 256 3.41 6.24 -45.83
C GLN B 256 3.72 4.80 -45.41
N HIS B 257 4.87 4.56 -44.78
CA HIS B 257 5.24 3.23 -44.25
C HIS B 257 4.29 2.90 -43.09
N ARG B 258 3.92 1.63 -42.95
CA ARG B 258 3.02 1.20 -41.85
C ARG B 258 3.89 1.04 -40.61
N LEU B 259 3.40 1.58 -39.49
CA LEU B 259 4.07 1.46 -38.18
C LEU B 259 4.05 0.00 -37.73
N PRO B 260 4.99 -0.39 -36.85
CA PRO B 260 5.07 -1.77 -36.36
C PRO B 260 3.77 -2.15 -35.62
N GLU B 261 3.52 -3.44 -35.52
CA GLU B 261 2.36 -4.00 -34.78
C GLU B 261 2.89 -4.60 -33.48
N PRO B 262 2.13 -4.53 -32.38
CA PRO B 262 2.39 -5.43 -31.25
C PRO B 262 2.11 -6.87 -31.73
N SER B 263 2.72 -7.88 -31.12
CA SER B 263 2.63 -9.31 -31.52
C SER B 263 1.19 -9.83 -31.40
N CYS B 264 0.39 -9.29 -30.46
CA CYS B 264 -1.03 -9.65 -30.20
C CYS B 264 -1.92 -9.28 -31.39
N PRO B 265 -2.44 -10.25 -32.18
CA PRO B 265 -3.20 -9.95 -33.40
C PRO B 265 -4.44 -9.05 -33.20
N GLN B 266 -5.18 -9.24 -32.10
CA GLN B 266 -6.38 -8.43 -31.77
C GLN B 266 -5.96 -6.97 -31.51
N LEU B 267 -4.89 -6.75 -30.73
CA LEU B 267 -4.39 -5.39 -30.38
C LEU B 267 -3.69 -4.78 -31.59
N ALA B 268 -2.99 -5.62 -32.38
CA ALA B 268 -2.42 -5.24 -33.69
C ALA B 268 -3.53 -4.72 -34.59
N THR B 269 -4.70 -5.37 -34.61
CA THR B 269 -5.84 -4.94 -35.47
C THR B 269 -6.23 -3.52 -35.07
N LEU B 270 -6.39 -3.29 -33.77
CA LEU B 270 -6.80 -1.97 -33.23
C LEU B 270 -5.76 -0.90 -33.54
N THR B 271 -4.49 -1.13 -33.22
CA THR B 271 -3.40 -0.16 -33.48
C THR B 271 -3.32 0.12 -34.99
N SER B 272 -3.43 -0.92 -35.81
CA SER B 272 -3.32 -0.79 -37.28
C SER B 272 -4.45 0.12 -37.80
N GLN B 273 -5.66 -0.07 -37.30
CA GLN B 273 -6.86 0.70 -37.74
C GLN B 273 -6.73 2.17 -37.31
N CYS B 274 -6.20 2.40 -36.10
CA CYS B 274 -5.95 3.75 -35.56
C CYS B 274 -4.83 4.43 -36.37
N LEU B 275 -3.78 3.66 -36.71
CA LEU B 275 -2.59 4.15 -37.45
C LEU B 275 -2.82 3.94 -38.95
N THR B 276 -3.98 4.38 -39.42
CA THR B 276 -4.41 4.38 -40.85
C THR B 276 -4.22 5.81 -41.37
N TYR B 277 -3.55 5.98 -42.49
CA TYR B 277 -3.14 7.30 -43.02
C TYR B 277 -4.41 8.12 -43.38
N GLU B 278 -5.44 7.48 -43.96
CA GLU B 278 -6.72 8.16 -44.30
C GLU B 278 -7.50 8.37 -43.01
N PRO B 279 -7.70 9.64 -42.56
CA PRO B 279 -8.32 9.88 -41.25
C PRO B 279 -9.73 9.31 -41.12
N THR B 280 -10.52 9.31 -42.20
CA THR B 280 -11.94 8.88 -42.17
C THR B 280 -12.04 7.37 -41.94
N GLN B 281 -10.94 6.63 -42.11
N GLN B 281 -10.95 6.62 -42.11
CA GLN B 281 -10.90 5.14 -42.01
CA GLN B 281 -10.93 5.14 -42.00
C GLN B 281 -10.63 4.70 -40.57
C GLN B 281 -10.66 4.70 -40.56
N ARG B 282 -10.27 5.63 -39.67
CA ARG B 282 -9.93 5.27 -38.27
C ARG B 282 -11.21 4.98 -37.50
N PRO B 283 -11.21 4.00 -36.56
CA PRO B 283 -12.43 3.63 -35.85
C PRO B 283 -12.86 4.68 -34.81
N SER B 284 -14.16 4.77 -34.55
CA SER B 284 -14.73 5.63 -33.48
C SER B 284 -14.19 5.15 -32.14
N PHE B 285 -14.19 6.03 -31.14
CA PHE B 285 -13.84 5.64 -29.76
C PHE B 285 -14.89 4.67 -29.19
N ARG B 286 -16.13 4.71 -29.67
CA ARG B 286 -17.14 3.70 -29.26
C ARG B 286 -16.64 2.31 -29.69
N THR B 287 -16.17 2.19 -30.93
CA THR B 287 -15.65 0.91 -31.48
C THR B 287 -14.39 0.51 -30.73
N ILE B 288 -13.49 1.47 -30.50
CA ILE B 288 -12.18 1.23 -29.82
C ILE B 288 -12.44 0.70 -28.41
N LEU B 289 -13.30 1.37 -27.65
CA LEU B 289 -13.63 0.97 -26.25
C LEU B 289 -14.31 -0.41 -26.29
N ARG B 290 -15.24 -0.63 -27.22
CA ARG B 290 -15.95 -1.92 -27.35
C ARG B 290 -14.88 -3.02 -27.52
N ASP B 291 -13.92 -2.82 -28.42
CA ASP B 291 -12.90 -3.85 -28.73
C ASP B 291 -12.02 -4.09 -27.49
N LEU B 292 -11.64 -3.05 -26.73
CA LEU B 292 -10.75 -3.18 -25.54
C LEU B 292 -11.44 -3.90 -24.37
N THR B 293 -12.78 -3.87 -24.28
CA THR B 293 -13.54 -4.38 -23.11
C THR B 293 -14.03 -5.81 -23.39
N GLN C 4 -1.85 -41.88 14.08
CA GLN C 4 -2.38 -43.00 14.91
C GLN C 4 -3.36 -42.42 15.92
N LEU C 5 -4.63 -42.81 15.84
CA LEU C 5 -5.73 -42.22 16.65
C LEU C 5 -5.70 -42.88 18.02
N SER C 6 -5.94 -42.09 19.07
CA SER C 6 -5.92 -42.56 20.48
C SER C 6 -7.16 -42.03 21.22
N PHE C 7 -8.02 -42.95 21.66
CA PHE C 7 -9.27 -42.62 22.38
C PHE C 7 -9.72 -43.87 23.14
N HIS C 8 -10.57 -43.70 24.14
CA HIS C 8 -11.13 -44.84 24.93
C HIS C 8 -12.29 -45.45 24.14
N ARG C 9 -12.27 -46.77 23.96
CA ARG C 9 -13.43 -47.53 23.41
C ARG C 9 -14.45 -47.73 24.52
N VAL C 10 -15.65 -47.17 24.37
CA VAL C 10 -16.76 -47.39 25.32
C VAL C 10 -17.60 -48.55 24.79
N ASP C 11 -17.87 -49.54 25.62
CA ASP C 11 -18.76 -50.66 25.23
C ASP C 11 -20.20 -50.17 25.29
N GLN C 12 -21.04 -50.63 24.36
CA GLN C 12 -22.48 -50.25 24.31
C GLN C 12 -23.18 -50.65 25.61
N LYS C 13 -22.67 -51.66 26.34
CA LYS C 13 -23.29 -52.09 27.63
C LYS C 13 -23.19 -50.95 28.66
N GLU C 14 -22.22 -50.04 28.49
CA GLU C 14 -21.87 -49.00 29.49
C GLU C 14 -22.72 -47.73 29.30
N ILE C 15 -23.47 -47.57 28.19
CA ILE C 15 -24.24 -46.33 27.94
C ILE C 15 -25.75 -46.60 27.93
N THR C 16 -26.49 -45.60 28.40
CA THR C 16 -27.96 -45.51 28.29
C THR C 16 -28.29 -44.20 27.58
N GLN C 17 -29.23 -44.24 26.63
CA GLN C 17 -29.61 -43.05 25.84
C GLN C 17 -30.96 -42.54 26.36
N LEU C 18 -30.99 -41.26 26.74
CA LEU C 18 -32.21 -40.59 27.26
C LEU C 18 -32.67 -39.58 26.19
N SER C 19 -33.06 -38.37 26.58
CA SER C 19 -33.81 -37.46 25.67
C SER C 19 -32.91 -36.83 24.61
N HIS C 20 -33.48 -36.62 23.44
CA HIS C 20 -32.86 -35.86 22.33
C HIS C 20 -32.69 -34.40 22.75
N LEU C 21 -31.48 -33.88 22.58
CA LEU C 21 -31.14 -32.47 22.89
C LEU C 21 -31.02 -31.65 21.60
N GLY C 22 -30.85 -32.28 20.45
CA GLY C 22 -30.79 -31.53 19.19
C GLY C 22 -29.77 -32.07 18.22
N GLN C 23 -29.59 -31.39 17.11
CA GLN C 23 -28.71 -31.84 16.01
C GLN C 23 -27.41 -31.05 16.06
N GLY C 24 -26.32 -31.74 15.77
CA GLY C 24 -25.03 -31.16 15.39
C GLY C 24 -24.80 -31.46 13.92
N THR C 25 -23.63 -31.13 13.41
CA THR C 25 -23.33 -31.40 11.98
C THR C 25 -23.26 -32.92 11.78
N ARG C 26 -24.24 -33.48 11.06
CA ARG C 26 -24.36 -34.95 10.80
C ARG C 26 -24.47 -35.75 12.09
N THR C 27 -24.98 -35.15 13.16
CA THR C 27 -25.13 -35.84 14.46
C THR C 27 -26.46 -35.51 15.10
N ASN C 28 -26.87 -36.40 16.00
CA ASN C 28 -27.98 -36.16 16.95
C ASN C 28 -27.41 -36.32 18.36
N VAL C 29 -27.73 -35.38 19.21
CA VAL C 29 -27.16 -35.27 20.59
C VAL C 29 -28.26 -35.65 21.55
N TYR C 30 -27.93 -36.53 22.50
CA TYR C 30 -28.87 -37.05 23.53
C TYR C 30 -28.24 -36.89 24.90
N GLU C 31 -29.06 -36.63 25.91
CA GLU C 31 -28.63 -36.89 27.29
C GLU C 31 -28.43 -38.40 27.41
N GLY C 32 -27.43 -38.83 28.16
CA GLY C 32 -27.26 -40.26 28.45
C GLY C 32 -26.65 -40.50 29.82
N ARG C 33 -26.35 -41.76 30.07
CA ARG C 33 -25.65 -42.20 31.28
C ARG C 33 -24.47 -43.08 30.84
N LEU C 34 -23.36 -42.96 31.55
CA LEU C 34 -22.15 -43.79 31.33
C LEU C 34 -21.84 -44.49 32.66
N ARG C 35 -21.77 -45.81 32.66
CA ARG C 35 -21.57 -46.57 33.92
C ARG C 35 -20.08 -46.95 34.03
N GLN C 61 -21.08 -46.78 40.06
CA GLN C 61 -21.11 -45.32 39.80
C GLN C 61 -21.65 -45.06 38.40
N GLU C 62 -22.45 -44.02 38.27
CA GLU C 62 -23.07 -43.66 36.97
C GLU C 62 -22.85 -42.16 36.73
N LEU C 63 -22.73 -41.76 35.47
CA LEU C 63 -22.39 -40.37 35.11
C LEU C 63 -23.34 -39.86 34.03
N ARG C 64 -23.90 -38.68 34.24
CA ARG C 64 -24.67 -37.95 33.21
C ARG C 64 -23.66 -37.52 32.16
N VAL C 65 -23.94 -37.85 30.90
CA VAL C 65 -23.08 -37.49 29.73
C VAL C 65 -23.99 -36.98 28.61
N VAL C 66 -23.39 -36.60 27.49
CA VAL C 66 -24.12 -36.52 26.21
C VAL C 66 -23.58 -37.59 25.26
N LEU C 67 -24.47 -38.14 24.45
CA LEU C 67 -24.16 -39.07 23.35
C LEU C 67 -24.38 -38.32 22.04
N LYS C 68 -23.31 -38.22 21.25
CA LYS C 68 -23.33 -37.64 19.91
C LYS C 68 -23.30 -38.78 18.91
N VAL C 69 -24.47 -39.06 18.34
CA VAL C 69 -24.69 -40.22 17.43
C VAL C 69 -24.46 -39.72 16.02
N LEU C 70 -23.43 -40.24 15.36
CA LEU C 70 -23.13 -39.87 13.97
C LEU C 70 -24.21 -40.48 13.07
N ASP C 71 -24.79 -39.66 12.20
CA ASP C 71 -25.72 -40.12 11.14
C ASP C 71 -25.04 -41.21 10.31
N PRO C 72 -25.82 -42.15 9.72
CA PRO C 72 -25.28 -43.13 8.78
C PRO C 72 -24.40 -42.38 7.77
N SER C 73 -23.13 -42.76 7.71
CA SER C 73 -22.07 -41.95 7.04
C SER C 73 -21.07 -42.86 6.33
N HIS C 74 -20.52 -42.36 5.23
CA HIS C 74 -19.33 -42.93 4.56
C HIS C 74 -18.15 -42.93 5.53
N HIS C 75 -17.22 -43.85 5.31
CA HIS C 75 -15.97 -43.98 6.09
C HIS C 75 -15.30 -42.62 6.33
N ASP C 76 -15.26 -41.74 5.32
CA ASP C 76 -14.42 -40.52 5.37
C ASP C 76 -15.01 -39.53 6.39
N ILE C 77 -16.33 -39.48 6.50
CA ILE C 77 -17.04 -38.74 7.59
C ILE C 77 -16.73 -39.39 8.93
N ALA C 78 -16.89 -40.70 9.05
CA ALA C 78 -16.63 -41.42 10.33
C ALA C 78 -15.18 -41.18 10.75
N LEU C 79 -14.21 -41.20 9.81
CA LEU C 79 -12.78 -40.98 10.14
C LEU C 79 -12.62 -39.59 10.76
N ALA C 80 -13.28 -38.57 10.19
CA ALA C 80 -13.17 -37.17 10.66
C ALA C 80 -13.76 -37.07 12.06
N PHE C 81 -14.83 -37.81 12.33
CA PHE C 81 -15.46 -37.92 13.67
C PHE C 81 -14.47 -38.51 14.67
N TYR C 82 -13.87 -39.64 14.33
CA TYR C 82 -12.87 -40.32 15.20
C TYR C 82 -11.65 -39.42 15.39
N GLU C 83 -11.25 -38.68 14.35
CA GLU C 83 -10.08 -37.76 14.48
C GLU C 83 -10.40 -36.73 15.56
N THR C 84 -11.61 -36.20 15.60
CA THR C 84 -12.04 -35.24 16.66
C THR C 84 -11.95 -35.92 18.02
N ALA C 85 -12.43 -37.17 18.14
CA ALA C 85 -12.42 -37.89 19.44
C ALA C 85 -10.97 -38.02 19.90
N SER C 86 -10.07 -38.34 18.97
CA SER C 86 -8.62 -38.51 19.21
C SER C 86 -8.00 -37.18 19.67
N LEU C 87 -8.24 -36.10 18.92
CA LEU C 87 -7.80 -34.74 19.31
C LEU C 87 -8.24 -34.48 20.76
N MET C 88 -9.52 -34.63 21.07
CA MET C 88 -10.05 -34.15 22.38
C MET C 88 -9.60 -35.07 23.51
N SER C 89 -9.29 -36.32 23.18
CA SER C 89 -8.84 -37.33 24.17
C SER C 89 -7.39 -37.05 24.59
N GLN C 90 -6.65 -36.20 23.88
N GLN C 90 -6.66 -36.23 23.81
CA GLN C 90 -5.21 -35.99 24.19
CA GLN C 90 -5.20 -35.93 23.96
C GLN C 90 -4.94 -34.53 24.59
C GLN C 90 -4.98 -34.63 24.75
N VAL C 91 -5.99 -33.75 24.83
CA VAL C 91 -5.85 -32.38 25.41
C VAL C 91 -6.58 -32.32 26.74
N SER C 92 -6.15 -31.38 27.58
CA SER C 92 -6.79 -31.06 28.88
C SER C 92 -6.74 -29.54 29.05
N HIS C 93 -7.88 -28.94 29.35
CA HIS C 93 -7.97 -27.55 29.83
C HIS C 93 -9.30 -27.36 30.56
N THR C 94 -9.31 -26.56 31.60
CA THR C 94 -10.55 -26.40 32.40
C THR C 94 -11.67 -25.82 31.52
N HIS C 95 -11.34 -25.16 30.40
CA HIS C 95 -12.37 -24.57 29.49
C HIS C 95 -12.55 -25.39 28.22
N LEU C 96 -12.07 -26.64 28.19
CA LEU C 96 -12.40 -27.62 27.11
C LEU C 96 -13.27 -28.74 27.71
N ALA C 97 -14.37 -29.07 27.07
CA ALA C 97 -15.26 -30.18 27.50
C ALA C 97 -14.49 -31.49 27.38
N PHE C 98 -14.79 -32.43 28.26
CA PHE C 98 -14.13 -33.76 28.34
C PHE C 98 -14.77 -34.73 27.35
N VAL C 99 -13.97 -35.56 26.71
CA VAL C 99 -14.47 -36.68 25.87
C VAL C 99 -14.16 -37.99 26.60
N HIS C 100 -15.20 -38.76 26.93
CA HIS C 100 -15.12 -40.08 27.61
C HIS C 100 -14.66 -41.16 26.63
N GLY C 101 -15.06 -41.04 25.36
CA GLY C 101 -14.59 -41.96 24.33
C GLY C 101 -15.62 -42.15 23.24
N VAL C 102 -15.45 -43.24 22.48
CA VAL C 102 -16.28 -43.55 21.31
C VAL C 102 -16.87 -44.94 21.51
N CYS C 103 -18.16 -45.06 21.22
CA CYS C 103 -18.95 -46.30 21.38
C CYS C 103 -19.45 -46.69 19.99
N VAL C 104 -19.29 -47.96 19.64
CA VAL C 104 -19.94 -48.55 18.44
C VAL C 104 -21.15 -49.33 18.95
N ARG C 105 -22.34 -48.87 18.59
CA ARG C 105 -23.63 -49.48 19.00
C ARG C 105 -24.35 -49.88 17.73
N GLY C 106 -24.38 -51.18 17.42
CA GLY C 106 -24.80 -51.68 16.10
C GLY C 106 -24.04 -50.94 15.00
N PRO C 107 -24.75 -50.32 14.03
CA PRO C 107 -24.08 -49.59 12.95
C PRO C 107 -23.67 -48.17 13.35
N GLU C 108 -23.98 -47.73 14.58
CA GLU C 108 -23.86 -46.31 14.99
C GLU C 108 -22.53 -46.05 15.70
N ASN C 109 -21.83 -44.99 15.29
CA ASN C 109 -20.64 -44.46 15.98
C ASN C 109 -21.11 -43.34 16.90
N ILE C 110 -20.72 -43.41 18.17
CA ILE C 110 -21.26 -42.51 19.22
C ILE C 110 -20.08 -41.92 20.00
N MET C 111 -19.96 -40.59 19.99
CA MET C 111 -18.95 -39.93 20.83
C MET C 111 -19.62 -39.62 22.16
N VAL C 112 -18.97 -40.03 23.25
CA VAL C 112 -19.52 -39.87 24.62
C VAL C 112 -18.77 -38.70 25.23
N THR C 113 -19.47 -37.60 25.51
CA THR C 113 -18.77 -36.35 25.91
C THR C 113 -19.46 -35.75 27.15
N GLU C 114 -18.82 -34.73 27.70
CA GLU C 114 -19.24 -34.10 28.97
C GLU C 114 -20.60 -33.43 28.79
N TYR C 115 -21.54 -33.75 29.68
CA TYR C 115 -22.81 -33.01 29.83
C TYR C 115 -22.51 -31.71 30.55
N VAL C 116 -22.84 -30.59 29.93
CA VAL C 116 -22.59 -29.27 30.56
C VAL C 116 -23.95 -28.65 30.88
N GLU C 117 -24.14 -28.26 32.13
CA GLU C 117 -25.47 -28.05 32.76
C GLU C 117 -26.39 -27.12 31.93
N HIS C 118 -25.95 -25.92 31.57
CA HIS C 118 -26.87 -24.87 31.01
C HIS C 118 -26.84 -24.85 29.48
N GLY C 119 -26.14 -25.80 28.87
CA GLY C 119 -26.21 -26.06 27.42
C GLY C 119 -25.48 -25.00 26.59
N PRO C 120 -25.79 -24.95 25.28
CA PRO C 120 -25.11 -24.05 24.37
C PRO C 120 -25.39 -22.56 24.64
N LEU C 121 -24.33 -21.76 24.51
CA LEU C 121 -24.33 -20.32 24.80
C LEU C 121 -25.19 -19.52 23.81
N ASP C 122 -25.21 -19.89 22.54
CA ASP C 122 -26.00 -19.15 21.52
C ASP C 122 -27.48 -19.13 21.92
N VAL C 123 -28.04 -20.30 22.21
N VAL C 123 -28.05 -20.29 22.24
CA VAL C 123 -29.45 -20.51 22.67
CA VAL C 123 -29.50 -20.40 22.60
C VAL C 123 -29.68 -19.72 23.95
C VAL C 123 -29.73 -19.78 23.98
N TRP C 124 -28.76 -19.89 24.91
CA TRP C 124 -28.87 -19.28 26.25
C TRP C 124 -28.95 -17.75 26.09
N LEU C 125 -28.08 -17.17 25.25
CA LEU C 125 -28.03 -15.70 25.08
C LEU C 125 -29.33 -15.21 24.45
N ARG C 126 -29.91 -15.98 23.52
CA ARG C 126 -31.17 -15.56 22.86
C ARG C 126 -32.30 -15.57 23.89
N ARG C 127 -32.27 -16.55 24.80
CA ARG C 127 -33.29 -16.73 25.88
C ARG C 127 -33.16 -15.58 26.88
N GLU C 128 -31.94 -15.09 27.11
CA GLU C 128 -31.64 -14.07 28.15
C GLU C 128 -31.41 -12.69 27.52
N ARG C 129 -31.81 -12.50 26.25
CA ARG C 129 -31.42 -11.31 25.46
C ARG C 129 -31.90 -10.04 26.17
N GLY C 130 -30.99 -9.07 26.25
CA GLY C 130 -31.23 -7.72 26.80
C GLY C 130 -30.92 -7.63 28.29
N HIS C 131 -30.54 -8.72 28.97
CA HIS C 131 -30.12 -8.61 30.40
C HIS C 131 -28.90 -9.48 30.67
N VAL C 132 -28.01 -9.58 29.68
CA VAL C 132 -26.68 -10.20 29.91
C VAL C 132 -25.66 -9.07 29.92
N PRO C 133 -25.08 -8.71 31.08
CA PRO C 133 -24.18 -7.57 31.15
C PRO C 133 -22.90 -7.78 30.34
N MET C 134 -22.30 -6.67 29.92
CA MET C 134 -21.04 -6.67 29.15
C MET C 134 -19.94 -7.34 30.01
N ALA C 135 -19.91 -7.10 31.32
CA ALA C 135 -18.87 -7.66 32.22
C ALA C 135 -18.89 -9.19 32.14
N TRP C 136 -20.08 -9.78 32.14
CA TRP C 136 -20.33 -11.22 32.01
C TRP C 136 -19.76 -11.71 30.67
N LYS C 137 -20.07 -11.01 29.59
CA LYS C 137 -19.60 -11.39 28.25
C LYS C 137 -18.06 -11.37 28.23
N MET C 138 -17.45 -10.39 28.89
CA MET C 138 -15.97 -10.25 28.91
C MET C 138 -15.34 -11.45 29.64
N VAL C 139 -15.95 -11.93 30.71
CA VAL C 139 -15.42 -13.14 31.42
C VAL C 139 -15.47 -14.32 30.45
N VAL C 140 -16.60 -14.50 29.76
CA VAL C 140 -16.75 -15.61 28.78
C VAL C 140 -15.67 -15.49 27.71
N ALA C 141 -15.42 -14.28 27.19
CA ALA C 141 -14.41 -14.05 26.13
C ALA C 141 -13.03 -14.48 26.65
N GLN C 142 -12.71 -14.11 27.89
N GLN C 142 -12.71 -14.12 27.88
CA GLN C 142 -11.42 -14.42 28.54
CA GLN C 142 -11.39 -14.45 28.49
C GLN C 142 -11.27 -15.95 28.65
C GLN C 142 -11.26 -15.96 28.62
N GLN C 143 -12.32 -16.64 29.09
CA GLN C 143 -12.26 -18.10 29.31
C GLN C 143 -12.05 -18.81 27.97
N LEU C 144 -12.79 -18.39 26.93
CA LEU C 144 -12.65 -18.98 25.57
C LEU C 144 -11.24 -18.70 25.07
N ALA C 145 -10.73 -17.48 25.24
CA ALA C 145 -9.36 -17.12 24.82
C ALA C 145 -8.33 -18.00 25.57
N SER C 146 -8.58 -18.35 26.83
N SER C 146 -8.58 -18.31 26.84
CA SER C 146 -7.62 -19.21 27.60
CA SER C 146 -7.71 -19.23 27.64
C SER C 146 -7.64 -20.64 27.03
C SER C 146 -7.64 -20.58 26.93
N ALA C 147 -8.79 -21.14 26.58
CA ALA C 147 -8.88 -22.47 25.94
C ALA C 147 -8.08 -22.44 24.63
N LEU C 148 -8.30 -21.39 23.83
CA LEU C 148 -7.71 -21.30 22.47
C LEU C 148 -6.23 -20.94 22.60
N SER C 149 -5.81 -20.25 23.66
CA SER C 149 -4.38 -20.00 23.97
C SER C 149 -3.65 -21.34 24.17
N TYR C 150 -4.26 -22.22 24.96
CA TYR C 150 -3.75 -23.58 25.19
C TYR C 150 -3.67 -24.33 23.85
N LEU C 151 -4.73 -24.37 23.06
CA LEU C 151 -4.67 -25.11 21.76
C LEU C 151 -3.64 -24.47 20.83
N GLU C 152 -3.51 -23.14 20.84
CA GLU C 152 -2.50 -22.46 20.01
C GLU C 152 -1.10 -22.94 20.40
N ASN C 153 -0.84 -23.04 21.69
CA ASN C 153 0.47 -23.50 22.22
C ASN C 153 0.74 -24.94 21.79
N LYS C 154 -0.30 -25.77 21.66
CA LYS C 154 -0.18 -27.20 21.26
C LYS C 154 -0.11 -27.29 19.73
N ASN C 155 -0.36 -26.17 19.06
CA ASN C 155 -0.47 -26.11 17.58
C ASN C 155 -1.57 -27.07 17.10
N LEU C 156 -2.69 -27.11 17.82
CA LEU C 156 -3.87 -27.92 17.45
C LEU C 156 -5.03 -27.02 17.03
N VAL C 157 -5.69 -27.39 15.93
CA VAL C 157 -6.87 -26.67 15.39
C VAL C 157 -8.13 -27.28 15.97
N HIS C 158 -9.02 -26.41 16.44
CA HIS C 158 -10.41 -26.75 16.81
C HIS C 158 -11.28 -26.78 15.56
N GLY C 159 -11.41 -25.63 14.89
CA GLY C 159 -12.00 -25.53 13.55
C GLY C 159 -13.50 -25.35 13.59
N ASN C 160 -14.09 -25.16 14.76
CA ASN C 160 -15.56 -24.94 14.88
C ASN C 160 -15.87 -24.08 16.11
N VAL C 161 -15.12 -23.00 16.27
CA VAL C 161 -15.40 -22.04 17.38
C VAL C 161 -16.65 -21.24 17.02
N CYS C 162 -17.67 -21.32 17.86
CA CYS C 162 -18.99 -20.64 17.67
C CYS C 162 -19.76 -20.78 18.98
N GLY C 163 -20.78 -19.94 19.17
CA GLY C 163 -21.62 -19.90 20.38
C GLY C 163 -22.23 -21.27 20.67
N ARG C 164 -22.62 -22.01 19.63
CA ARG C 164 -23.26 -23.36 19.80
C ARG C 164 -22.30 -24.29 20.53
N ASN C 165 -21.00 -24.14 20.28
CA ASN C 165 -19.99 -25.06 20.85
C ASN C 165 -19.47 -24.53 22.19
N ILE C 166 -19.93 -23.37 22.63
CA ILE C 166 -19.58 -22.85 23.97
C ILE C 166 -20.68 -23.32 24.91
N LEU C 167 -20.33 -24.15 25.90
CA LEU C 167 -21.31 -24.74 26.82
C LEU C 167 -21.21 -24.04 28.17
N LEU C 168 -22.35 -23.68 28.73
CA LEU C 168 -22.36 -22.88 29.98
C LEU C 168 -22.47 -23.81 31.20
N ALA C 169 -21.39 -23.97 31.96
CA ALA C 169 -21.37 -24.87 33.15
C ALA C 169 -21.93 -24.15 34.37
N ARG C 170 -21.68 -22.83 34.49
N ARG C 170 -21.69 -22.83 34.49
CA ARG C 170 -22.13 -22.02 35.66
CA ARG C 170 -22.11 -22.02 35.66
C ARG C 170 -22.68 -20.69 35.12
C ARG C 170 -22.67 -20.69 35.13
N LEU C 171 -23.86 -20.31 35.59
CA LEU C 171 -24.66 -19.18 35.01
C LEU C 171 -23.95 -17.85 35.26
N GLY C 172 -23.47 -17.59 36.47
CA GLY C 172 -22.75 -16.36 36.84
C GLY C 172 -23.59 -15.09 36.72
N LEU C 173 -24.93 -15.17 36.80
CA LEU C 173 -25.82 -13.97 36.72
C LEU C 173 -26.11 -13.43 38.13
N ALA C 174 -26.18 -14.29 39.14
CA ALA C 174 -26.43 -13.93 40.56
C ALA C 174 -25.25 -13.08 41.09
N GLU C 175 -25.53 -12.14 42.00
CA GLU C 175 -24.54 -11.21 42.62
C GLU C 175 -23.36 -12.02 43.19
N GLY C 176 -22.12 -11.55 42.95
CA GLY C 176 -20.87 -12.20 43.39
C GLY C 176 -20.35 -13.21 42.38
N THR C 177 -21.24 -14.02 41.79
CA THR C 177 -20.87 -15.20 40.94
C THR C 177 -20.29 -14.76 39.60
N SER C 178 -19.62 -15.69 38.91
CA SER C 178 -19.09 -15.47 37.54
C SER C 178 -19.41 -16.70 36.69
N PRO C 179 -19.60 -16.51 35.38
CA PRO C 179 -19.89 -17.64 34.50
C PRO C 179 -18.68 -18.58 34.36
N PHE C 180 -18.93 -19.77 33.84
CA PHE C 180 -17.87 -20.75 33.54
C PHE C 180 -18.30 -21.56 32.31
N ILE C 181 -17.47 -21.56 31.27
CA ILE C 181 -17.78 -22.23 29.98
C ILE C 181 -16.85 -23.41 29.73
N LYS C 182 -17.33 -24.30 28.87
CA LYS C 182 -16.57 -25.44 28.32
C LYS C 182 -16.75 -25.37 26.83
N LEU C 183 -15.65 -25.30 26.08
CA LEU C 183 -15.69 -25.40 24.60
C LEU C 183 -15.87 -26.88 24.27
N SER C 184 -16.97 -27.19 23.56
CA SER C 184 -17.29 -28.53 23.06
C SER C 184 -16.22 -29.02 22.08
N ASP C 185 -16.11 -30.34 21.93
CA ASP C 185 -15.41 -30.96 20.78
C ASP C 185 -16.01 -30.34 19.53
N PRO C 186 -15.22 -30.18 18.46
CA PRO C 186 -15.72 -29.56 17.22
C PRO C 186 -16.66 -30.41 16.35
N GLY C 187 -16.94 -31.64 16.78
CA GLY C 187 -17.73 -32.61 16.01
C GLY C 187 -16.97 -33.12 14.79
N VAL C 188 -17.68 -33.54 13.76
CA VAL C 188 -17.04 -34.00 12.50
C VAL C 188 -16.02 -32.94 12.06
N GLY C 189 -14.77 -33.34 11.87
CA GLY C 189 -13.69 -32.43 11.43
C GLY C 189 -14.07 -31.66 10.18
N LEU C 190 -13.78 -30.36 10.17
CA LEU C 190 -14.11 -29.40 9.09
C LEU C 190 -13.64 -29.89 7.72
N GLY C 191 -12.46 -30.51 7.65
CA GLY C 191 -11.85 -30.99 6.40
C GLY C 191 -12.74 -31.98 5.66
N ALA C 192 -13.68 -32.64 6.35
CA ALA C 192 -14.54 -33.70 5.76
C ALA C 192 -15.89 -33.12 5.29
N LEU C 193 -16.19 -31.87 5.63
CA LEU C 193 -17.54 -31.30 5.42
C LEU C 193 -17.70 -30.81 3.98
N SER C 194 -18.96 -30.71 3.54
CA SER C 194 -19.36 -30.28 2.18
C SER C 194 -19.17 -28.76 2.05
N ARG C 195 -19.10 -28.27 0.83
CA ARG C 195 -19.09 -26.81 0.56
C ARG C 195 -20.33 -26.18 1.20
N GLU C 196 -21.47 -26.86 1.14
CA GLU C 196 -22.74 -26.29 1.62
C GLU C 196 -22.67 -26.15 3.14
N GLU C 197 -22.03 -27.11 3.82
CA GLU C 197 -21.87 -27.03 5.30
C GLU C 197 -20.90 -25.88 5.64
N ARG C 198 -19.82 -25.69 4.87
CA ARG C 198 -18.86 -24.61 5.14
C ARG C 198 -19.57 -23.26 4.98
N VAL C 199 -20.41 -23.10 3.95
CA VAL C 199 -21.18 -21.85 3.72
C VAL C 199 -22.14 -21.62 4.87
N GLU C 200 -22.83 -22.67 5.33
CA GLU C 200 -23.74 -22.64 6.50
C GLU C 200 -22.98 -22.09 7.72
N ARG C 201 -21.67 -22.29 7.82
CA ARG C 201 -20.88 -21.85 9.00
C ARG C 201 -20.30 -20.46 8.82
N ILE C 202 -20.57 -19.75 7.72
CA ILE C 202 -20.25 -18.30 7.64
C ILE C 202 -21.15 -17.59 8.66
N PRO C 203 -20.64 -16.66 9.51
CA PRO C 203 -19.30 -16.07 9.43
C PRO C 203 -18.25 -16.60 10.43
N TRP C 204 -18.54 -17.71 11.10
CA TRP C 204 -17.56 -18.39 11.99
C TRP C 204 -16.42 -18.99 11.16
N LEU C 205 -16.76 -19.52 9.98
CA LEU C 205 -15.82 -20.15 9.04
C LEU C 205 -14.82 -19.10 8.56
N ALA C 206 -13.53 -19.38 8.74
CA ALA C 206 -12.45 -18.50 8.22
C ALA C 206 -12.51 -18.50 6.68
N PRO C 207 -12.34 -17.33 6.02
CA PRO C 207 -12.53 -17.26 4.58
C PRO C 207 -11.56 -18.14 3.79
N GLU C 208 -10.36 -18.39 4.29
CA GLU C 208 -9.39 -19.30 3.62
C GLU C 208 -9.94 -20.73 3.60
N CYS C 209 -10.92 -21.06 4.42
CA CYS C 209 -11.45 -22.45 4.56
C CYS C 209 -12.61 -22.66 3.59
N LEU C 210 -13.11 -21.61 2.92
CA LEU C 210 -14.30 -21.79 2.07
C LEU C 210 -13.94 -22.68 0.87
N PRO C 211 -12.82 -22.47 0.13
CA PRO C 211 -12.49 -23.34 -1.01
C PRO C 211 -12.07 -24.79 -0.68
N SER C 216 -4.97 -24.41 4.26
CA SER C 216 -5.77 -23.56 5.19
C SER C 216 -5.97 -24.19 6.57
N LEU C 217 -5.60 -25.47 6.76
CA LEU C 217 -5.70 -26.19 8.07
C LEU C 217 -4.60 -25.64 8.99
N SER C 218 -4.92 -24.61 9.76
CA SER C 218 -3.98 -23.81 10.59
C SER C 218 -4.75 -23.23 11.78
N THR C 219 -4.07 -22.99 12.91
CA THR C 219 -4.75 -22.46 14.12
C THR C 219 -5.24 -21.04 13.82
N ALA C 220 -4.72 -20.39 12.76
CA ALA C 220 -5.20 -19.05 12.32
C ALA C 220 -6.73 -19.06 12.16
N MET C 221 -7.32 -20.15 11.66
CA MET C 221 -8.78 -20.17 11.40
C MET C 221 -9.54 -19.98 12.73
N ASP C 222 -8.98 -20.44 13.85
CA ASP C 222 -9.65 -20.31 15.18
C ASP C 222 -9.59 -18.86 15.68
N LYS C 223 -8.65 -18.06 15.19
CA LYS C 223 -8.63 -16.61 15.54
C LYS C 223 -9.85 -15.95 14.91
N TRP C 224 -10.15 -16.29 13.65
CA TRP C 224 -11.35 -15.75 12.93
C TRP C 224 -12.62 -16.27 13.62
N GLY C 225 -12.69 -17.57 13.90
CA GLY C 225 -13.83 -18.19 14.63
C GLY C 225 -14.07 -17.47 15.96
N PHE C 226 -13.01 -17.21 16.71
CA PHE C 226 -13.06 -16.46 17.98
C PHE C 226 -13.66 -15.06 17.74
N GLY C 227 -13.15 -14.32 16.74
CA GLY C 227 -13.66 -12.97 16.44
C GLY C 227 -15.16 -13.01 16.15
N ALA C 228 -15.59 -13.95 15.32
CA ALA C 228 -17.01 -14.08 14.90
C ALA C 228 -17.85 -14.44 16.14
N THR C 229 -17.30 -15.26 17.00
CA THR C 229 -17.97 -15.71 18.24
C THR C 229 -18.11 -14.51 19.21
N LEU C 230 -17.11 -13.65 19.29
CA LEU C 230 -17.22 -12.40 20.11
C LEU C 230 -18.37 -11.53 19.59
N LEU C 231 -18.52 -11.38 18.27
CA LEU C 231 -19.66 -10.61 17.71
C LEU C 231 -20.97 -11.27 18.14
N GLU C 232 -21.04 -12.60 17.96
CA GLU C 232 -22.23 -13.41 18.29
C GLU C 232 -22.60 -13.15 19.74
N ILE C 233 -21.61 -13.17 20.64
CA ILE C 233 -21.85 -12.98 22.09
C ILE C 233 -22.28 -11.53 22.35
N CYS C 234 -21.60 -10.56 21.75
CA CYS C 234 -21.97 -9.13 21.85
C CYS C 234 -23.43 -8.92 21.47
N PHE C 235 -23.88 -9.59 20.41
CA PHE C 235 -25.24 -9.45 19.86
C PHE C 235 -26.22 -10.45 20.49
N ASP C 236 -25.95 -10.95 21.70
CA ASP C 236 -26.87 -11.82 22.47
C ASP C 236 -27.31 -13.02 21.61
N GLY C 237 -26.36 -13.63 20.90
CA GLY C 237 -26.57 -14.92 20.21
C GLY C 237 -27.13 -14.78 18.80
N GLU C 238 -27.21 -13.57 18.28
CA GLU C 238 -27.62 -13.30 16.87
C GLU C 238 -26.34 -12.99 16.11
N ALA C 239 -25.75 -13.97 15.42
CA ALA C 239 -24.47 -13.76 14.73
C ALA C 239 -24.73 -12.96 13.45
N PRO C 240 -23.80 -12.10 13.02
CA PRO C 240 -23.96 -11.38 11.74
C PRO C 240 -24.10 -12.37 10.57
N LEU C 241 -24.87 -11.99 9.55
CA LEU C 241 -25.04 -12.71 8.26
C LEU C 241 -25.89 -13.99 8.41
N GLN C 242 -26.42 -14.28 9.61
CA GLN C 242 -27.12 -15.57 9.90
C GLN C 242 -28.37 -15.72 9.04
N SER C 243 -29.20 -14.68 8.97
CA SER C 243 -30.49 -14.70 8.22
C SER C 243 -30.24 -14.67 6.71
N ARG C 244 -28.99 -14.53 6.23
CA ARG C 244 -28.74 -14.40 4.77
C ARG C 244 -28.71 -15.78 4.13
N SER C 245 -29.04 -15.83 2.84
CA SER C 245 -29.03 -17.04 1.98
C SER C 245 -27.60 -17.52 1.80
N PRO C 246 -27.39 -18.81 1.44
CA PRO C 246 -26.07 -19.30 1.09
C PRO C 246 -25.36 -18.44 0.04
N SER C 247 -26.00 -18.07 -1.07
CA SER C 247 -25.32 -17.27 -2.12
C SER C 247 -24.96 -15.88 -1.55
N GLU C 248 -25.78 -15.32 -0.67
CA GLU C 248 -25.53 -13.98 -0.04
C GLU C 248 -24.28 -14.06 0.84
N LYS C 249 -24.18 -15.12 1.63
CA LYS C 249 -23.03 -15.36 2.54
C LYS C 249 -21.75 -15.53 1.72
N GLU C 250 -21.82 -16.32 0.64
CA GLU C 250 -20.66 -16.57 -0.24
C GLU C 250 -20.25 -15.26 -0.94
N HIS C 251 -21.21 -14.46 -1.39
CA HIS C 251 -20.98 -13.12 -1.99
C HIS C 251 -20.20 -12.24 -1.03
N PHE C 252 -20.61 -12.24 0.23
CA PHE C 252 -19.97 -11.43 1.30
C PHE C 252 -18.46 -11.74 1.33
N TYR C 253 -18.10 -13.03 1.28
CA TYR C 253 -16.69 -13.48 1.39
C TYR C 253 -15.98 -13.22 0.07
N GLN C 254 -16.65 -13.46 -1.06
CA GLN C 254 -16.08 -13.23 -2.41
C GLN C 254 -15.59 -11.78 -2.52
N ARG C 255 -16.36 -10.82 -1.98
N ARG C 255 -16.36 -10.82 -1.98
CA ARG C 255 -16.05 -9.37 -2.06
CA ARG C 255 -16.05 -9.37 -2.05
C ARG C 255 -15.17 -8.96 -0.88
C ARG C 255 -15.15 -8.96 -0.87
N GLN C 256 -14.78 -9.92 -0.02
CA GLN C 256 -13.98 -9.66 1.21
C GLN C 256 -14.58 -8.49 1.98
N HIS C 257 -15.90 -8.52 2.17
CA HIS C 257 -16.65 -7.43 2.85
C HIS C 257 -16.33 -7.46 4.35
N ARG C 258 -16.22 -6.32 5.01
CA ARG C 258 -15.77 -6.29 6.42
C ARG C 258 -16.96 -6.59 7.35
N LEU C 259 -16.73 -7.39 8.39
CA LEU C 259 -17.80 -7.79 9.34
C LEU C 259 -18.12 -6.59 10.23
N PRO C 260 -19.35 -6.51 10.81
CA PRO C 260 -19.74 -5.36 11.61
C PRO C 260 -18.89 -5.26 12.89
N GLU C 261 -18.86 -4.07 13.48
CA GLU C 261 -18.18 -3.77 14.75
C GLU C 261 -19.18 -3.96 15.90
N PRO C 262 -18.73 -4.41 17.10
CA PRO C 262 -19.57 -4.31 18.30
C PRO C 262 -19.60 -2.90 18.90
N CYS C 264 -18.81 -1.25 21.85
CA CYS C 264 -17.52 -1.22 22.60
C CYS C 264 -16.37 -1.01 21.62
N PRO C 265 -15.61 0.11 21.70
CA PRO C 265 -14.60 0.44 20.70
C PRO C 265 -13.29 -0.35 20.86
N GLN C 266 -12.97 -0.75 22.09
CA GLN C 266 -11.80 -1.62 22.43
C GLN C 266 -12.06 -3.04 21.90
N LEU C 267 -13.25 -3.58 22.15
CA LEU C 267 -13.66 -4.93 21.68
C LEU C 267 -13.76 -4.91 20.16
N ALA C 268 -14.12 -3.77 19.57
CA ALA C 268 -14.17 -3.53 18.11
C ALA C 268 -12.77 -3.70 17.50
N THR C 269 -11.74 -3.12 18.12
CA THR C 269 -10.32 -3.23 17.67
C THR C 269 -9.96 -4.71 17.60
N LEU C 270 -10.34 -5.44 18.65
CA LEU C 270 -9.99 -6.87 18.80
C LEU C 270 -10.74 -7.70 17.74
N THR C 271 -12.06 -7.52 17.62
CA THR C 271 -12.87 -8.29 16.64
C THR C 271 -12.34 -8.01 15.22
N SER C 272 -12.02 -6.75 14.92
N SER C 272 -12.06 -6.74 14.92
CA SER C 272 -11.57 -6.29 13.57
CA SER C 272 -11.57 -6.31 13.58
C SER C 272 -10.21 -6.93 13.25
C SER C 272 -10.26 -7.05 13.28
N GLN C 273 -9.35 -7.08 14.25
CA GLN C 273 -8.02 -7.74 14.09
C GLN C 273 -8.20 -9.24 13.86
N CYS C 274 -9.12 -9.89 14.58
CA CYS C 274 -9.38 -11.34 14.43
C CYS C 274 -10.05 -11.59 13.08
N LEU C 275 -10.93 -10.68 12.66
CA LEU C 275 -11.73 -10.84 11.42
C LEU C 275 -11.01 -10.16 10.25
N THR C 276 -9.73 -10.45 10.11
CA THR C 276 -8.89 -9.98 8.99
C THR C 276 -8.80 -11.12 7.97
N TYR C 277 -9.01 -10.83 6.68
CA TYR C 277 -9.07 -11.87 5.63
C TYR C 277 -7.69 -12.54 5.50
N GLU C 278 -6.59 -11.79 5.62
CA GLU C 278 -5.22 -12.38 5.58
C GLU C 278 -4.93 -13.11 6.90
N PRO C 279 -4.86 -14.45 6.90
CA PRO C 279 -4.75 -15.18 8.16
C PRO C 279 -3.49 -14.82 8.96
N THR C 280 -2.37 -14.49 8.30
CA THR C 280 -1.10 -14.18 9.00
C THR C 280 -1.18 -12.83 9.72
N GLN C 281 -2.21 -12.02 9.47
CA GLN C 281 -2.37 -10.70 10.13
C GLN C 281 -3.18 -10.81 11.43
N ARG C 282 -3.78 -11.97 11.71
CA ARG C 282 -4.61 -12.16 12.93
C ARG C 282 -3.70 -12.22 14.16
N PRO C 283 -4.08 -11.61 15.30
CA PRO C 283 -3.21 -11.58 16.48
C PRO C 283 -3.11 -12.96 17.15
N SER C 284 -1.99 -13.24 17.82
CA SER C 284 -1.80 -14.45 18.65
C SER C 284 -2.80 -14.44 19.80
N PHE C 285 -3.12 -15.60 20.36
CA PHE C 285 -3.97 -15.67 21.57
C PHE C 285 -3.21 -15.05 22.74
N ARG C 286 -1.88 -15.01 22.71
CA ARG C 286 -1.12 -14.29 23.76
C ARG C 286 -1.56 -12.82 23.73
N THR C 287 -1.62 -12.22 22.54
CA THR C 287 -2.02 -10.80 22.38
C THR C 287 -3.50 -10.65 22.74
N ILE C 288 -4.35 -11.51 22.22
CA ILE C 288 -5.82 -11.45 22.44
C ILE C 288 -6.08 -11.51 23.95
N LEU C 289 -5.48 -12.47 24.64
CA LEU C 289 -5.67 -12.69 26.11
C LEU C 289 -5.15 -11.49 26.91
N ARG C 290 -3.98 -10.94 26.55
CA ARG C 290 -3.42 -9.70 27.13
C ARG C 290 -4.44 -8.56 26.97
N ASP C 291 -5.00 -8.37 25.76
CA ASP C 291 -5.93 -7.26 25.46
C ASP C 291 -7.23 -7.42 26.26
N LEU C 292 -7.73 -8.65 26.44
CA LEU C 292 -8.98 -8.93 27.20
C LEU C 292 -8.78 -8.70 28.70
N THR C 293 -7.57 -8.94 29.22
CA THR C 293 -7.18 -8.70 30.64
C THR C 293 -6.48 -7.35 30.75
#